data_2YSD
#
_entry.id   2YSD
#
_entity_poly.entity_id   1
_entity_poly.type   'polypeptide(L)'
_entity_poly.pdbx_seq_one_letter_code
;GSSGSSGAEDNLGPLPENWEMAYTENGEVYFIDHNTKTTSWLDPRCLNKQQSGPSSG
;
_entity_poly.pdbx_strand_id   A
#
# COMPACT_ATOMS: atom_id res chain seq x y z
N GLY A 1 -19.76 -9.83 -13.04
CA GLY A 1 -18.60 -10.01 -13.89
C GLY A 1 -17.81 -8.72 -14.06
N SER A 2 -17.68 -7.96 -12.98
CA SER A 2 -16.94 -6.70 -13.01
C SER A 2 -15.70 -6.83 -13.88
N SER A 3 -15.49 -5.84 -14.76
CA SER A 3 -14.34 -5.84 -15.64
C SER A 3 -13.05 -6.05 -14.86
N GLY A 4 -11.94 -6.17 -15.59
CA GLY A 4 -10.64 -6.37 -14.94
C GLY A 4 -10.29 -5.25 -13.99
N SER A 5 -9.18 -5.41 -13.29
CA SER A 5 -8.73 -4.41 -12.32
C SER A 5 -8.59 -3.05 -12.99
N SER A 6 -9.41 -2.10 -12.57
CA SER A 6 -9.38 -0.75 -13.13
C SER A 6 -9.95 0.26 -12.14
N GLY A 7 -9.17 1.29 -11.82
CA GLY A 7 -9.61 2.31 -10.89
C GLY A 7 -8.50 2.76 -9.96
N ALA A 8 -7.47 3.38 -10.53
CA ALA A 8 -6.35 3.87 -9.74
C ALA A 8 -5.94 5.27 -10.16
N GLU A 9 -5.39 6.03 -9.22
CA GLU A 9 -4.96 7.40 -9.50
C GLU A 9 -3.47 7.44 -9.85
N ASP A 10 -2.99 8.63 -10.19
CA ASP A 10 -1.58 8.81 -10.53
C ASP A 10 -0.80 9.39 -9.36
N ASN A 11 -1.53 9.89 -8.37
CA ASN A 11 -0.91 10.47 -7.18
C ASN A 11 -1.56 9.96 -5.91
N LEU A 12 -1.06 8.85 -5.39
CA LEU A 12 -1.60 8.25 -4.18
C LEU A 12 -1.03 8.92 -2.94
N GLY A 13 0.28 9.20 -2.97
CA GLY A 13 0.93 9.84 -1.84
C GLY A 13 1.83 8.89 -1.08
N PRO A 14 2.67 9.44 -0.20
CA PRO A 14 3.61 8.65 0.61
C PRO A 14 2.89 7.81 1.66
N LEU A 15 3.35 6.58 1.84
CA LEU A 15 2.75 5.68 2.83
C LEU A 15 2.34 6.43 4.08
N PRO A 16 1.35 5.90 4.80
CA PRO A 16 0.84 6.50 6.03
C PRO A 16 1.84 6.40 7.17
N GLU A 17 1.37 6.68 8.39
CA GLU A 17 2.23 6.62 9.57
C GLU A 17 2.04 5.31 10.33
N ASN A 18 0.97 4.60 9.99
CA ASN A 18 0.67 3.32 10.64
C ASN A 18 1.15 2.15 9.79
N TRP A 19 2.10 2.42 8.91
CA TRP A 19 2.66 1.39 8.03
C TRP A 19 4.17 1.49 7.96
N GLU A 20 4.83 0.39 7.60
CA GLU A 20 6.28 0.35 7.50
C GLU A 20 6.73 -0.66 6.44
N MET A 21 7.29 -0.15 5.35
CA MET A 21 7.76 -1.01 4.27
C MET A 21 9.20 -1.44 4.51
N ALA A 22 9.42 -2.74 4.65
CA ALA A 22 10.74 -3.29 4.88
C ALA A 22 10.95 -4.59 4.13
N TYR A 23 12.21 -4.99 3.97
CA TYR A 23 12.53 -6.22 3.25
C TYR A 23 13.00 -7.30 4.21
N THR A 24 12.59 -8.54 3.95
CA THR A 24 12.97 -9.67 4.79
C THR A 24 14.45 -9.97 4.66
N GLU A 25 14.91 -10.97 5.42
CA GLU A 25 16.32 -11.37 5.39
C GLU A 25 16.75 -11.70 3.97
N ASN A 26 15.97 -12.52 3.29
CA ASN A 26 16.29 -12.92 1.92
C ASN A 26 16.32 -11.70 1.00
N GLY A 27 15.40 -10.77 1.21
CA GLY A 27 15.35 -9.57 0.40
C GLY A 27 13.97 -9.33 -0.19
N GLU A 28 12.96 -9.94 0.42
CA GLU A 28 11.59 -9.78 -0.06
C GLU A 28 10.94 -8.54 0.55
N VAL A 29 10.54 -7.62 -0.30
CA VAL A 29 9.90 -6.38 0.14
C VAL A 29 8.47 -6.62 0.59
N TYR A 30 8.16 -6.20 1.81
CA TYR A 30 6.82 -6.37 2.36
C TYR A 30 6.32 -5.10 3.04
N PHE A 31 5.04 -5.05 3.35
CA PHE A 31 4.44 -3.88 3.99
C PHE A 31 3.86 -4.25 5.36
N ILE A 32 4.35 -3.57 6.40
CA ILE A 32 3.88 -3.82 7.75
C ILE A 32 2.71 -2.91 8.11
N ASP A 33 1.57 -3.53 8.44
CA ASP A 33 0.38 -2.78 8.80
C ASP A 33 0.13 -2.83 10.31
N HIS A 34 0.51 -1.76 11.00
CA HIS A 34 0.33 -1.68 12.45
C HIS A 34 -1.14 -1.50 12.81
N ASN A 35 -1.80 -0.55 12.15
CA ASN A 35 -3.20 -0.28 12.40
C ASN A 35 -3.97 -1.57 12.68
N THR A 36 -3.52 -2.67 12.06
CA THR A 36 -4.16 -3.95 12.24
C THR A 36 -3.14 -5.02 12.63
N LYS A 37 -1.87 -4.64 12.65
CA LYS A 37 -0.80 -5.56 13.01
C LYS A 37 -0.76 -6.75 12.04
N THR A 38 -0.85 -6.47 10.74
CA THR A 38 -0.83 -7.51 9.73
C THR A 38 0.28 -7.26 8.71
N THR A 39 0.71 -8.31 8.04
CA THR A 39 1.77 -8.21 7.04
C THR A 39 1.25 -8.62 5.66
N SER A 40 1.59 -7.82 4.65
CA SER A 40 1.17 -8.10 3.28
C SER A 40 2.34 -8.00 2.31
N TRP A 41 2.20 -8.63 1.15
CA TRP A 41 3.25 -8.62 0.15
C TRP A 41 3.09 -7.43 -0.79
N LEU A 42 1.85 -7.00 -1.00
CA LEU A 42 1.56 -5.88 -1.88
C LEU A 42 1.41 -4.59 -1.07
N ASP A 43 1.23 -3.47 -1.77
CA ASP A 43 1.07 -2.18 -1.11
C ASP A 43 -0.40 -1.85 -0.92
N PRO A 44 -0.72 -1.20 0.21
CA PRO A 44 -2.10 -0.81 0.53
C PRO A 44 -2.62 0.30 -0.36
N ARG A 45 -1.81 1.35 -0.53
CA ARG A 45 -2.19 2.47 -1.38
C ARG A 45 -2.88 1.99 -2.65
N CYS A 46 -2.42 0.87 -3.18
CA CYS A 46 -2.99 0.30 -4.40
C CYS A 46 -4.36 -0.29 -4.14
N LEU A 47 -4.53 -0.87 -2.95
CA LEU A 47 -5.81 -1.48 -2.57
C LEU A 47 -6.82 -0.42 -2.16
N ASN A 48 -8.10 -0.74 -2.27
CA ASN A 48 -9.16 0.19 -1.90
C ASN A 48 -9.74 -0.17 -0.54
N LYS A 49 -10.00 -1.46 -0.32
CA LYS A 49 -10.56 -1.93 0.93
C LYS A 49 -9.49 -2.64 1.76
N GLN A 50 -9.00 -1.97 2.80
CA GLN A 50 -7.98 -2.54 3.66
C GLN A 50 -8.38 -3.94 4.12
N GLN A 51 -7.44 -4.64 4.75
CA GLN A 51 -7.69 -5.99 5.23
C GLN A 51 -8.77 -6.00 6.31
N SER A 52 -10.03 -6.07 5.87
CA SER A 52 -11.15 -6.07 6.79
C SER A 52 -11.63 -7.50 7.06
N GLY A 53 -11.74 -7.85 8.34
CA GLY A 53 -12.18 -9.18 8.71
C GLY A 53 -11.23 -10.26 8.22
N PRO A 54 -11.73 -11.50 8.15
CA PRO A 54 -10.93 -12.65 7.71
C PRO A 54 -10.60 -12.59 6.22
N SER A 55 -9.32 -12.68 5.89
CA SER A 55 -8.87 -12.62 4.50
C SER A 55 -7.95 -13.80 4.19
N SER A 56 -8.36 -14.63 3.22
CA SER A 56 -7.56 -15.78 2.83
C SER A 56 -6.18 -15.36 2.35
N GLY A 57 -6.14 -14.52 1.32
CA GLY A 57 -4.88 -14.05 0.78
C GLY A 57 -4.33 -12.86 1.55
N GLY A 1 -25.25 13.66 -20.32
CA GLY A 1 -24.85 12.52 -19.51
C GLY A 1 -23.40 12.59 -19.09
N SER A 2 -22.96 11.60 -18.31
CA SER A 2 -21.59 11.56 -17.82
C SER A 2 -20.82 10.42 -18.48
N SER A 3 -19.50 10.47 -18.37
CA SER A 3 -18.64 9.45 -18.96
C SER A 3 -17.18 9.69 -18.60
N GLY A 4 -16.44 8.61 -18.37
CA GLY A 4 -15.04 8.71 -18.03
C GLY A 4 -14.14 7.99 -19.01
N SER A 5 -12.83 8.06 -18.78
CA SER A 5 -11.86 7.42 -19.65
C SER A 5 -11.01 6.43 -18.87
N SER A 6 -10.20 5.65 -19.60
CA SER A 6 -9.34 4.65 -18.96
C SER A 6 -8.07 5.30 -18.43
N GLY A 7 -7.80 5.09 -17.15
CA GLY A 7 -6.62 5.66 -16.53
C GLY A 7 -6.95 6.83 -15.62
N ALA A 8 -6.69 6.67 -14.33
CA ALA A 8 -6.96 7.72 -13.36
C ALA A 8 -5.66 8.23 -12.72
N GLU A 9 -5.78 9.25 -11.88
CA GLU A 9 -4.63 9.83 -11.21
C GLU A 9 -3.92 8.78 -10.35
N ASP A 10 -2.62 8.65 -10.53
CA ASP A 10 -1.83 7.69 -9.76
C ASP A 10 -1.19 8.36 -8.55
N ASN A 11 -1.51 9.63 -8.33
CA ASN A 11 -0.96 10.37 -7.22
C ASN A 11 -1.75 10.09 -5.94
N LEU A 12 -1.20 9.21 -5.09
CA LEU A 12 -1.84 8.86 -3.84
C LEU A 12 -1.09 9.46 -2.65
N GLY A 13 0.24 9.45 -2.72
CA GLY A 13 1.04 10.01 -1.65
C GLY A 13 1.88 8.96 -0.95
N PRO A 14 2.79 9.41 -0.07
CA PRO A 14 3.68 8.52 0.67
C PRO A 14 2.93 7.71 1.72
N LEU A 15 3.36 6.46 1.91
CA LEU A 15 2.72 5.58 2.89
C LEU A 15 2.33 6.35 4.14
N PRO A 16 1.32 5.83 4.86
CA PRO A 16 0.82 6.45 6.09
C PRO A 16 1.82 6.35 7.24
N GLU A 17 1.36 6.65 8.45
CA GLU A 17 2.22 6.59 9.63
C GLU A 17 2.03 5.28 10.38
N ASN A 18 0.97 4.55 10.04
CA ASN A 18 0.67 3.28 10.69
C ASN A 18 1.15 2.11 9.83
N TRP A 19 2.09 2.39 8.95
CA TRP A 19 2.65 1.36 8.06
C TRP A 19 4.17 1.47 7.98
N GLU A 20 4.81 0.40 7.53
CA GLU A 20 6.25 0.36 7.41
C GLU A 20 6.69 -0.65 6.35
N MET A 21 7.25 -0.14 5.25
CA MET A 21 7.72 -1.00 4.17
C MET A 21 9.17 -1.41 4.38
N ALA A 22 9.40 -2.70 4.54
CA ALA A 22 10.75 -3.22 4.75
C ALA A 22 10.94 -4.55 4.01
N TYR A 23 12.20 -4.96 3.87
CA TYR A 23 12.52 -6.20 3.19
C TYR A 23 12.93 -7.28 4.19
N THR A 24 12.56 -8.52 3.90
CA THR A 24 12.90 -9.65 4.77
C THR A 24 14.37 -10.00 4.68
N GLU A 25 14.89 -10.63 5.72
CA GLU A 25 16.30 -11.04 5.75
C GLU A 25 16.72 -11.64 4.41
N ASN A 26 15.77 -12.27 3.73
CA ASN A 26 16.04 -12.90 2.44
C ASN A 26 16.17 -11.84 1.34
N GLY A 27 15.30 -10.83 1.40
CA GLY A 27 15.35 -9.78 0.40
C GLY A 27 13.99 -9.55 -0.25
N GLU A 28 12.93 -9.90 0.46
CA GLU A 28 11.58 -9.74 -0.06
C GLU A 28 10.91 -8.48 0.52
N VAL A 29 10.55 -7.56 -0.36
CA VAL A 29 9.91 -6.33 0.06
C VAL A 29 8.47 -6.57 0.52
N TYR A 30 8.17 -6.21 1.76
CA TYR A 30 6.84 -6.39 2.31
C TYR A 30 6.35 -5.12 2.98
N PHE A 31 5.05 -5.08 3.29
CA PHE A 31 4.46 -3.91 3.94
C PHE A 31 3.91 -4.28 5.32
N ILE A 32 4.38 -3.58 6.34
CA ILE A 32 3.94 -3.82 7.70
C ILE A 32 2.77 -2.92 8.07
N ASP A 33 1.64 -3.54 8.43
CA ASP A 33 0.45 -2.80 8.80
C ASP A 33 0.23 -2.85 10.31
N HIS A 34 0.61 -1.77 11.00
CA HIS A 34 0.45 -1.69 12.45
C HIS A 34 -1.02 -1.52 12.82
N ASN A 35 -1.69 -0.57 12.17
CA ASN A 35 -3.09 -0.31 12.45
C ASN A 35 -3.84 -1.60 12.74
N THR A 36 -3.39 -2.70 12.14
CA THR A 36 -4.03 -4.00 12.34
C THR A 36 -2.99 -5.06 12.70
N LYS A 37 -1.72 -4.68 12.64
CA LYS A 37 -0.63 -5.60 12.97
C LYS A 37 -0.61 -6.78 12.00
N THR A 38 -0.72 -6.49 10.71
CA THR A 38 -0.72 -7.52 9.69
C THR A 38 0.37 -7.27 8.65
N THR A 39 0.79 -8.32 7.96
CA THR A 39 1.82 -8.21 6.94
C THR A 39 1.29 -8.63 5.57
N SER A 40 1.58 -7.83 4.55
CA SER A 40 1.13 -8.12 3.20
C SER A 40 2.29 -8.04 2.21
N TRP A 41 2.08 -8.59 1.01
CA TRP A 41 3.11 -8.58 -0.01
C TRP A 41 2.92 -7.38 -0.96
N LEU A 42 1.68 -6.98 -1.15
CA LEU A 42 1.37 -5.86 -2.03
C LEU A 42 1.27 -4.56 -1.24
N ASP A 43 1.11 -3.45 -1.95
CA ASP A 43 1.00 -2.14 -1.31
C ASP A 43 -0.45 -1.80 -1.01
N PRO A 44 -0.68 -1.14 0.14
CA PRO A 44 -2.02 -0.74 0.57
C PRO A 44 -2.61 0.36 -0.31
N ARG A 45 -1.81 1.39 -0.57
CA ARG A 45 -2.25 2.52 -1.38
C ARG A 45 -3.03 2.03 -2.60
N CYS A 46 -2.61 0.89 -3.16
CA CYS A 46 -3.26 0.32 -4.32
C CYS A 46 -4.79 0.34 -4.16
N LEU A 47 -5.25 -0.03 -2.97
CA LEU A 47 -6.68 -0.06 -2.69
C LEU A 47 -7.06 1.05 -1.70
N ASN A 48 -7.30 2.24 -2.22
CA ASN A 48 -7.67 3.38 -1.39
C ASN A 48 -8.82 4.16 -2.01
N LYS A 49 -9.87 4.37 -1.23
CA LYS A 49 -11.05 5.11 -1.71
C LYS A 49 -11.47 4.62 -3.08
N GLN A 50 -11.53 3.30 -3.24
CA GLN A 50 -11.93 2.71 -4.51
C GLN A 50 -13.28 2.01 -4.39
N GLN A 51 -14.35 2.79 -4.47
CA GLN A 51 -15.70 2.25 -4.37
C GLN A 51 -16.72 3.19 -5.00
N SER A 52 -17.81 2.63 -5.51
CA SER A 52 -18.86 3.42 -6.14
C SER A 52 -20.03 3.61 -5.19
N GLY A 53 -19.73 3.86 -3.92
CA GLY A 53 -20.78 4.05 -2.93
C GLY A 53 -22.01 3.21 -3.20
N PRO A 54 -23.00 3.81 -3.86
CA PRO A 54 -24.26 3.13 -4.21
C PRO A 54 -24.06 2.06 -5.28
N SER A 55 -24.88 1.01 -5.23
CA SER A 55 -24.80 -0.08 -6.19
C SER A 55 -25.91 0.02 -7.22
N SER A 56 -25.64 0.68 -8.34
CA SER A 56 -26.62 0.86 -9.40
C SER A 56 -26.11 0.30 -10.71
N GLY A 57 -26.90 -0.58 -11.33
CA GLY A 57 -26.50 -1.17 -12.60
C GLY A 57 -26.44 -2.69 -12.53
N GLY A 1 25.91 5.71 -11.28
CA GLY A 1 25.16 6.91 -10.95
C GLY A 1 23.69 6.63 -10.76
N SER A 2 22.85 7.55 -11.22
CA SER A 2 21.40 7.40 -11.08
C SER A 2 20.79 6.78 -12.34
N SER A 3 19.96 5.76 -12.15
CA SER A 3 19.31 5.08 -13.27
C SER A 3 17.80 5.25 -13.22
N GLY A 4 17.18 5.30 -14.40
CA GLY A 4 15.74 5.47 -14.46
C GLY A 4 15.07 4.38 -15.28
N SER A 5 13.75 4.35 -15.23
CA SER A 5 12.98 3.33 -15.97
C SER A 5 11.81 3.98 -16.70
N SER A 6 11.10 4.88 -16.02
CA SER A 6 9.96 5.56 -16.61
C SER A 6 8.88 4.56 -17.01
N GLY A 7 8.64 3.57 -16.16
CA GLY A 7 7.63 2.56 -16.45
C GLY A 7 6.26 2.97 -15.97
N ALA A 8 5.51 2.00 -15.43
CA ALA A 8 4.17 2.26 -14.93
C ALA A 8 4.14 3.52 -14.07
N GLU A 9 3.10 4.33 -14.25
CA GLU A 9 2.97 5.56 -13.48
C GLU A 9 1.77 5.48 -12.54
N ASP A 10 1.98 5.87 -11.28
CA ASP A 10 0.93 5.83 -10.28
C ASP A 10 1.22 6.82 -9.16
N ASN A 11 0.46 7.91 -9.13
CA ASN A 11 0.64 8.94 -8.10
C ASN A 11 -0.42 8.82 -7.02
N LEU A 12 -0.14 8.00 -6.02
CA LEU A 12 -1.08 7.80 -4.92
C LEU A 12 -0.70 8.65 -3.71
N GLY A 13 0.57 8.55 -3.30
CA GLY A 13 1.03 9.33 -2.16
C GLY A 13 1.95 8.53 -1.26
N PRO A 14 2.63 9.23 -0.34
CA PRO A 14 3.55 8.59 0.61
C PRO A 14 2.83 7.74 1.65
N LEU A 15 3.37 6.55 1.92
CA LEU A 15 2.78 5.65 2.90
C LEU A 15 2.36 6.41 4.16
N PRO A 16 1.35 5.88 4.86
CA PRO A 16 0.84 6.48 6.09
C PRO A 16 1.83 6.37 7.24
N GLU A 17 1.35 6.64 8.46
CA GLU A 17 2.19 6.57 9.64
C GLU A 17 2.00 5.26 10.38
N ASN A 18 0.93 4.56 10.04
CA ASN A 18 0.62 3.27 10.68
C ASN A 18 1.11 2.11 9.82
N TRP A 19 2.06 2.40 8.94
CA TRP A 19 2.62 1.38 8.06
C TRP A 19 4.14 1.48 8.00
N GLU A 20 4.78 0.39 7.57
CA GLU A 20 6.23 0.36 7.46
C GLU A 20 6.69 -0.66 6.42
N MET A 21 7.26 -0.16 5.32
CA MET A 21 7.72 -1.03 4.25
C MET A 21 9.17 -1.46 4.49
N ALA A 22 9.39 -2.77 4.63
CA ALA A 22 10.72 -3.30 4.86
C ALA A 22 10.92 -4.62 4.12
N TYR A 23 12.18 -4.97 3.89
CA TYR A 23 12.51 -6.21 3.20
C TYR A 23 12.95 -7.29 4.17
N THR A 24 12.58 -8.54 3.87
CA THR A 24 12.93 -9.66 4.73
C THR A 24 14.40 -10.02 4.59
N GLU A 25 14.95 -10.67 5.61
CA GLU A 25 16.35 -11.07 5.59
C GLU A 25 16.77 -11.58 4.21
N ASN A 26 15.90 -12.37 3.60
CA ASN A 26 16.16 -12.91 2.27
C ASN A 26 16.26 -11.80 1.23
N GLY A 27 15.33 -10.85 1.31
CA GLY A 27 15.32 -9.74 0.37
C GLY A 27 13.96 -9.51 -0.25
N GLU A 28 12.91 -9.95 0.45
CA GLU A 28 11.55 -9.79 -0.04
C GLU A 28 10.90 -8.53 0.55
N VAL A 29 10.48 -7.63 -0.34
CA VAL A 29 9.85 -6.39 0.07
C VAL A 29 8.42 -6.63 0.53
N TYR A 30 8.12 -6.25 1.77
CA TYR A 30 6.79 -6.42 2.33
C TYR A 30 6.30 -5.13 2.99
N PHE A 31 5.02 -5.10 3.32
CA PHE A 31 4.42 -3.93 3.97
C PHE A 31 3.87 -4.29 5.34
N ILE A 32 4.36 -3.60 6.36
CA ILE A 32 3.91 -3.84 7.73
C ILE A 32 2.75 -2.94 8.10
N ASP A 33 1.62 -3.55 8.45
CA ASP A 33 0.42 -2.79 8.83
C ASP A 33 0.21 -2.84 10.33
N HIS A 34 0.59 -1.76 11.02
CA HIS A 34 0.43 -1.68 12.47
C HIS A 34 -1.03 -1.49 12.85
N ASN A 35 -1.71 -0.58 12.16
CA ASN A 35 -3.11 -0.29 12.43
C ASN A 35 -3.86 -1.58 12.75
N THR A 36 -3.42 -2.69 12.17
CA THR A 36 -4.06 -3.98 12.39
C THR A 36 -3.02 -5.04 12.75
N LYS A 37 -1.75 -4.67 12.69
CA LYS A 37 -0.67 -5.59 13.01
C LYS A 37 -0.65 -6.76 12.04
N THR A 38 -0.74 -6.46 10.75
CA THR A 38 -0.73 -7.49 9.71
C THR A 38 0.42 -7.28 8.75
N THR A 39 0.71 -8.31 7.95
CA THR A 39 1.80 -8.23 6.98
C THR A 39 1.32 -8.68 5.60
N SER A 40 1.58 -7.83 4.60
CA SER A 40 1.18 -8.14 3.22
C SER A 40 2.36 -8.01 2.27
N TRP A 41 2.21 -8.54 1.07
CA TRP A 41 3.26 -8.49 0.06
C TRP A 41 3.06 -7.31 -0.87
N LEU A 42 1.80 -6.95 -1.11
CA LEU A 42 1.47 -5.83 -1.99
C LEU A 42 1.37 -4.53 -1.19
N ASP A 43 1.13 -3.43 -1.89
CA ASP A 43 1.00 -2.12 -1.26
C ASP A 43 -0.47 -1.76 -1.05
N PRO A 44 -0.76 -1.12 0.10
CA PRO A 44 -2.12 -0.71 0.44
C PRO A 44 -2.62 0.44 -0.44
N ARG A 45 -1.75 1.42 -0.67
CA ARG A 45 -2.11 2.56 -1.50
C ARG A 45 -2.80 2.12 -2.78
N CYS A 46 -2.53 0.89 -3.20
CA CYS A 46 -3.13 0.36 -4.41
C CYS A 46 -4.65 0.30 -4.30
N LEU A 47 -5.13 -0.05 -3.11
CA LEU A 47 -6.57 -0.14 -2.87
C LEU A 47 -7.14 1.24 -2.54
N ASN A 48 -8.39 1.45 -2.94
CA ASN A 48 -9.07 2.73 -2.69
C ASN A 48 -10.11 2.58 -1.59
N LYS A 49 -10.68 3.70 -1.17
CA LYS A 49 -11.70 3.71 -0.12
C LYS A 49 -13.01 3.11 -0.63
N GLN A 50 -13.20 3.17 -1.95
CA GLN A 50 -14.42 2.65 -2.56
C GLN A 50 -14.65 1.20 -2.14
N GLN A 51 -15.93 0.83 -2.01
CA GLN A 51 -16.30 -0.52 -1.61
C GLN A 51 -17.34 -1.10 -2.55
N SER A 52 -17.21 -0.80 -3.84
CA SER A 52 -18.15 -1.29 -4.84
C SER A 52 -17.91 -2.76 -5.13
N GLY A 53 -18.90 -3.59 -4.81
CA GLY A 53 -18.79 -5.02 -5.04
C GLY A 53 -19.25 -5.84 -3.86
N PRO A 54 -20.57 -6.06 -3.76
CA PRO A 54 -21.17 -6.84 -2.67
C PRO A 54 -20.82 -8.32 -2.76
N SER A 55 -20.35 -8.75 -3.93
CA SER A 55 -19.99 -10.15 -4.14
C SER A 55 -18.48 -10.30 -4.28
N SER A 56 -17.81 -10.52 -3.15
CA SER A 56 -16.35 -10.68 -3.14
C SER A 56 -15.97 -12.12 -3.44
N GLY A 57 -16.34 -13.03 -2.56
CA GLY A 57 -16.02 -14.43 -2.74
C GLY A 57 -15.54 -15.09 -1.46
N GLY A 1 23.99 -0.71 -19.09
CA GLY A 1 23.29 -1.50 -18.09
C GLY A 1 22.06 -2.18 -18.65
N SER A 2 20.92 -1.50 -18.56
CA SER A 2 19.67 -2.05 -19.06
C SER A 2 18.90 -1.01 -19.87
N SER A 3 17.88 -1.48 -20.60
CA SER A 3 17.08 -0.59 -21.43
C SER A 3 15.93 0.01 -20.61
N GLY A 4 15.58 1.26 -20.94
CA GLY A 4 14.51 1.93 -20.23
C GLY A 4 14.99 3.08 -19.38
N SER A 5 14.72 4.31 -19.82
CA SER A 5 15.15 5.49 -19.09
C SER A 5 13.97 6.42 -18.84
N SER A 6 13.16 6.66 -19.87
CA SER A 6 12.01 7.54 -19.76
C SER A 6 11.18 7.20 -18.52
N GLY A 7 10.73 5.95 -18.45
CA GLY A 7 9.93 5.52 -17.31
C GLY A 7 8.66 6.33 -17.15
N ALA A 8 7.59 5.67 -16.72
CA ALA A 8 6.30 6.33 -16.53
C ALA A 8 6.17 6.85 -15.10
N GLU A 9 5.34 7.88 -14.94
CA GLU A 9 5.13 8.49 -13.63
C GLU A 9 3.95 7.84 -12.92
N ASP A 10 4.24 6.85 -12.08
CA ASP A 10 3.20 6.15 -11.34
C ASP A 10 3.45 6.24 -9.84
N ASN A 11 3.06 7.37 -9.24
CA ASN A 11 3.24 7.59 -7.82
C ASN A 11 1.91 7.88 -7.15
N LEU A 12 1.40 6.91 -6.38
CA LEU A 12 0.13 7.07 -5.68
C LEU A 12 0.28 8.04 -4.52
N GLY A 13 1.39 7.93 -3.78
CA GLY A 13 1.62 8.80 -2.64
C GLY A 13 2.44 8.12 -1.55
N PRO A 14 2.93 8.93 -0.60
CA PRO A 14 3.74 8.43 0.52
C PRO A 14 2.91 7.60 1.50
N LEU A 15 3.49 6.49 1.95
CA LEU A 15 2.81 5.61 2.90
C LEU A 15 2.39 6.38 4.14
N PRO A 16 1.37 5.84 4.85
CA PRO A 16 0.85 6.46 6.07
C PRO A 16 1.84 6.37 7.23
N GLU A 17 1.35 6.64 8.43
CA GLU A 17 2.19 6.60 9.62
C GLU A 17 2.00 5.28 10.37
N ASN A 18 0.91 4.59 10.05
CA ASN A 18 0.60 3.31 10.70
C ASN A 18 1.09 2.14 9.85
N TRP A 19 2.05 2.41 8.98
CA TRP A 19 2.61 1.38 8.10
C TRP A 19 4.13 1.49 8.04
N GLU A 20 4.77 0.40 7.61
CA GLU A 20 6.23 0.37 7.51
C GLU A 20 6.67 -0.65 6.47
N MET A 21 7.24 -0.17 5.37
CA MET A 21 7.71 -1.03 4.29
C MET A 21 9.15 -1.46 4.54
N ALA A 22 9.35 -2.76 4.72
CA ALA A 22 10.68 -3.31 4.97
C ALA A 22 10.89 -4.60 4.18
N TYR A 23 12.16 -4.94 3.95
CA TYR A 23 12.50 -6.16 3.22
C TYR A 23 12.93 -7.27 4.17
N THR A 24 12.56 -8.50 3.83
CA THR A 24 12.90 -9.65 4.65
C THR A 24 14.40 -9.97 4.55
N GLU A 25 14.87 -10.84 5.44
CA GLU A 25 16.28 -11.23 5.45
C GLU A 25 16.75 -11.60 4.04
N ASN A 26 15.96 -12.40 3.35
CA ASN A 26 16.28 -12.82 1.99
C ASN A 26 16.33 -11.63 1.04
N GLY A 27 15.39 -10.71 1.22
CA GLY A 27 15.34 -9.54 0.36
C GLY A 27 13.95 -9.31 -0.23
N GLU A 28 12.94 -9.87 0.41
CA GLU A 28 11.57 -9.73 -0.05
C GLU A 28 10.92 -8.47 0.52
N VAL A 29 10.51 -7.56 -0.35
CA VAL A 29 9.89 -6.32 0.07
C VAL A 29 8.44 -6.55 0.51
N TYR A 30 8.16 -6.23 1.77
CA TYR A 30 6.83 -6.42 2.33
C TYR A 30 6.34 -5.14 3.01
N PHE A 31 5.05 -5.11 3.34
CA PHE A 31 4.46 -3.96 4.00
C PHE A 31 3.90 -4.32 5.37
N ILE A 32 4.32 -3.58 6.39
CA ILE A 32 3.86 -3.83 7.75
C ILE A 32 2.68 -2.92 8.12
N ASP A 33 1.55 -3.53 8.46
CA ASP A 33 0.36 -2.78 8.83
C ASP A 33 0.14 -2.83 10.35
N HIS A 34 0.52 -1.76 11.03
CA HIS A 34 0.35 -1.68 12.47
C HIS A 34 -1.11 -1.50 12.85
N ASN A 35 -1.77 -0.55 12.20
CA ASN A 35 -3.18 -0.27 12.47
C ASN A 35 -3.93 -1.56 12.76
N THR A 36 -3.49 -2.66 12.15
CA THR A 36 -4.13 -3.95 12.34
C THR A 36 -3.11 -5.02 12.75
N LYS A 37 -1.83 -4.65 12.71
CA LYS A 37 -0.76 -5.56 13.08
C LYS A 37 -0.71 -6.76 12.12
N THR A 38 -0.80 -6.47 10.82
CA THR A 38 -0.77 -7.53 9.81
C THR A 38 0.36 -7.29 8.82
N THR A 39 0.67 -8.31 8.03
CA THR A 39 1.72 -8.21 7.03
C THR A 39 1.21 -8.61 5.65
N SER A 40 1.54 -7.79 4.65
CA SER A 40 1.12 -8.06 3.28
C SER A 40 2.29 -8.02 2.32
N TRP A 41 2.10 -8.56 1.13
CA TRP A 41 3.16 -8.59 0.12
C TRP A 41 3.02 -7.42 -0.84
N LEU A 42 1.79 -6.98 -1.06
CA LEU A 42 1.52 -5.86 -1.96
C LEU A 42 1.39 -4.55 -1.18
N ASP A 43 1.30 -3.44 -1.91
CA ASP A 43 1.16 -2.13 -1.29
C ASP A 43 -0.30 -1.81 -1.03
N PRO A 44 -0.57 -1.15 0.11
CA PRO A 44 -1.93 -0.77 0.50
C PRO A 44 -2.50 0.34 -0.38
N ARG A 45 -1.68 1.36 -0.64
CA ARG A 45 -2.11 2.48 -1.46
C ARG A 45 -2.84 1.99 -2.71
N CYS A 46 -2.44 0.82 -3.21
CA CYS A 46 -3.07 0.25 -4.39
C CYS A 46 -4.55 0.03 -4.17
N LEU A 47 -4.92 -0.41 -2.97
CA LEU A 47 -6.31 -0.65 -2.63
C LEU A 47 -6.83 0.39 -1.64
N ASN A 48 -6.35 1.62 -1.78
CA ASN A 48 -6.76 2.71 -0.90
C ASN A 48 -8.26 2.65 -0.63
N LYS A 49 -8.62 2.44 0.64
CA LYS A 49 -10.02 2.36 1.03
C LYS A 49 -10.76 3.62 0.62
N GLN A 50 -12.08 3.50 0.44
CA GLN A 50 -12.91 4.62 0.04
C GLN A 50 -13.57 5.27 1.26
N GLN A 51 -14.10 4.43 2.14
CA GLN A 51 -14.76 4.92 3.36
C GLN A 51 -13.94 6.02 4.01
N SER A 52 -14.47 7.24 3.98
CA SER A 52 -13.79 8.39 4.57
C SER A 52 -14.52 8.87 5.82
N GLY A 53 -13.76 9.28 6.83
CA GLY A 53 -14.35 9.76 8.06
C GLY A 53 -14.40 8.70 9.14
N PRO A 54 -14.25 9.12 10.40
CA PRO A 54 -14.28 8.21 11.54
C PRO A 54 -15.67 7.64 11.80
N SER A 55 -15.73 6.54 12.55
CA SER A 55 -17.00 5.89 12.86
C SER A 55 -17.48 6.29 14.25
N SER A 56 -18.80 6.26 14.45
CA SER A 56 -19.39 6.61 15.73
C SER A 56 -20.19 5.46 16.31
N GLY A 57 -20.54 5.56 17.58
CA GLY A 57 -21.30 4.51 18.23
C GLY A 57 -20.60 3.17 18.17
N GLY A 1 6.08 -11.95 -23.42
CA GLY A 1 6.35 -10.83 -22.53
C GLY A 1 5.39 -10.78 -21.36
N SER A 2 4.27 -10.10 -21.54
CA SER A 2 3.27 -9.97 -20.48
C SER A 2 3.94 -9.72 -19.13
N SER A 3 4.95 -8.85 -19.14
CA SER A 3 5.68 -8.52 -17.92
C SER A 3 5.22 -7.19 -17.35
N GLY A 4 4.70 -7.21 -16.13
CA GLY A 4 4.22 -5.99 -15.50
C GLY A 4 2.75 -6.06 -15.14
N SER A 5 2.35 -5.31 -14.13
CA SER A 5 0.96 -5.29 -13.69
C SER A 5 0.50 -3.86 -13.41
N SER A 6 -0.52 -3.42 -14.14
CA SER A 6 -1.06 -2.07 -13.97
C SER A 6 0.07 -1.07 -13.71
N GLY A 7 1.16 -1.22 -14.44
CA GLY A 7 2.29 -0.32 -14.27
C GLY A 7 2.13 0.97 -15.07
N ALA A 8 1.53 1.97 -14.44
CA ALA A 8 1.31 3.25 -15.09
C ALA A 8 1.58 4.41 -14.12
N GLU A 9 1.87 5.59 -14.68
CA GLU A 9 2.15 6.76 -13.87
C GLU A 9 0.99 7.04 -12.91
N ASP A 10 1.31 7.21 -11.64
CA ASP A 10 0.30 7.49 -10.62
C ASP A 10 0.93 8.10 -9.38
N ASN A 11 0.36 9.21 -8.91
CA ASN A 11 0.86 9.89 -7.73
C ASN A 11 -0.13 9.78 -6.56
N LEU A 12 -0.05 8.66 -5.85
CA LEU A 12 -0.93 8.42 -4.71
C LEU A 12 -0.41 9.12 -3.46
N GLY A 13 0.88 8.98 -3.20
CA GLY A 13 1.49 9.60 -2.04
C GLY A 13 2.30 8.62 -1.21
N PRO A 14 3.10 9.15 -0.28
CA PRO A 14 3.95 8.33 0.60
C PRO A 14 3.12 7.53 1.62
N LEU A 15 3.53 6.31 1.86
CA LEU A 15 2.84 5.44 2.81
C LEU A 15 2.40 6.22 4.04
N PRO A 16 1.37 5.72 4.73
CA PRO A 16 0.83 6.36 5.94
C PRO A 16 1.79 6.27 7.12
N GLU A 17 1.29 6.58 8.31
CA GLU A 17 2.11 6.53 9.52
C GLU A 17 1.90 5.22 10.26
N ASN A 18 0.83 4.51 9.93
CA ASN A 18 0.52 3.24 10.56
C ASN A 18 1.02 2.06 9.72
N TRP A 19 1.99 2.34 8.86
CA TRP A 19 2.55 1.32 7.99
C TRP A 19 4.07 1.42 7.94
N GLU A 20 4.73 0.35 7.51
CA GLU A 20 6.19 0.33 7.42
C GLU A 20 6.65 -0.69 6.37
N MET A 21 7.21 -0.19 5.28
CA MET A 21 7.69 -1.05 4.21
C MET A 21 9.14 -1.46 4.45
N ALA A 22 9.37 -2.76 4.62
CA ALA A 22 10.70 -3.28 4.86
C ALA A 22 10.92 -4.58 4.09
N TYR A 23 12.19 -4.96 3.93
CA TYR A 23 12.54 -6.18 3.22
C TYR A 23 13.02 -7.26 4.18
N THR A 24 12.70 -8.51 3.86
CA THR A 24 13.09 -9.63 4.70
C THR A 24 14.57 -9.96 4.53
N GLU A 25 15.14 -10.64 5.53
CA GLU A 25 16.55 -11.00 5.48
C GLU A 25 16.94 -11.53 4.10
N ASN A 26 16.01 -12.25 3.46
CA ASN A 26 16.25 -12.81 2.14
C ASN A 26 16.30 -11.71 1.09
N GLY A 27 15.46 -10.69 1.27
CA GLY A 27 15.42 -9.59 0.32
C GLY A 27 14.04 -9.37 -0.25
N GLU A 28 13.03 -9.95 0.39
CA GLU A 28 11.65 -9.82 -0.06
C GLU A 28 11.00 -8.57 0.53
N VAL A 29 10.56 -7.66 -0.33
CA VAL A 29 9.92 -6.43 0.11
C VAL A 29 8.48 -6.68 0.54
N TYR A 30 8.15 -6.30 1.77
CA TYR A 30 6.81 -6.49 2.31
C TYR A 30 6.29 -5.20 2.92
N PHE A 31 5.03 -5.21 3.33
CA PHE A 31 4.41 -4.05 3.95
C PHE A 31 3.85 -4.39 5.33
N ILE A 32 4.30 -3.67 6.34
CA ILE A 32 3.85 -3.89 7.71
C ILE A 32 2.68 -2.98 8.05
N ASP A 33 1.56 -3.59 8.41
CA ASP A 33 0.37 -2.83 8.77
C ASP A 33 0.14 -2.85 10.28
N HIS A 34 0.51 -1.77 10.95
CA HIS A 34 0.35 -1.67 12.40
C HIS A 34 -1.11 -1.47 12.78
N ASN A 35 -1.78 -0.56 12.06
CA ASN A 35 -3.19 -0.29 12.32
C ASN A 35 -3.95 -1.56 12.67
N THR A 36 -3.50 -2.69 12.12
CA THR A 36 -4.13 -3.98 12.38
C THR A 36 -3.09 -5.03 12.76
N LYS A 37 -1.82 -4.63 12.74
CA LYS A 37 -0.73 -5.55 13.09
C LYS A 37 -0.70 -6.74 12.15
N THR A 38 -0.79 -6.48 10.85
CA THR A 38 -0.77 -7.53 9.85
C THR A 38 0.36 -7.32 8.85
N THR A 39 0.70 -8.38 8.11
CA THR A 39 1.76 -8.31 7.13
C THR A 39 1.26 -8.74 5.75
N SER A 40 1.55 -7.91 4.74
CA SER A 40 1.12 -8.21 3.38
C SER A 40 2.27 -8.00 2.39
N TRP A 41 2.11 -8.53 1.19
CA TRP A 41 3.13 -8.41 0.15
C TRP A 41 2.85 -7.21 -0.76
N LEU A 42 1.57 -6.91 -0.95
CA LEU A 42 1.17 -5.80 -1.79
C LEU A 42 1.16 -4.49 -1.00
N ASP A 43 0.93 -3.38 -1.70
CA ASP A 43 0.90 -2.07 -1.06
C ASP A 43 -0.54 -1.60 -0.85
N PRO A 44 -0.77 -0.91 0.27
CA PRO A 44 -2.10 -0.40 0.62
C PRO A 44 -2.54 0.75 -0.29
N ARG A 45 -1.62 1.68 -0.54
CA ARG A 45 -1.91 2.82 -1.40
C ARG A 45 -2.60 2.38 -2.69
N CYS A 46 -2.30 1.15 -3.13
CA CYS A 46 -2.88 0.61 -4.35
C CYS A 46 -4.36 0.32 -4.15
N LEU A 47 -4.72 -0.11 -2.95
CA LEU A 47 -6.11 -0.44 -2.63
C LEU A 47 -6.73 0.63 -1.75
N ASN A 48 -8.05 0.77 -1.82
CA ASN A 48 -8.76 1.75 -1.02
C ASN A 48 -9.59 1.08 0.07
N LYS A 49 -10.27 1.89 0.88
CA LYS A 49 -11.08 1.38 1.96
C LYS A 49 -12.31 0.66 1.42
N GLN A 50 -12.37 -0.66 1.62
CA GLN A 50 -13.49 -1.45 1.15
C GLN A 50 -14.74 -1.18 1.99
N GLN A 51 -14.56 -1.11 3.30
CA GLN A 51 -15.67 -0.86 4.21
C GLN A 51 -15.17 -0.36 5.56
N SER A 52 -16.07 0.23 6.34
CA SER A 52 -15.71 0.76 7.66
C SER A 52 -14.77 -0.19 8.38
N GLY A 53 -13.56 0.30 8.66
CA GLY A 53 -12.57 -0.51 9.35
C GLY A 53 -12.76 -0.51 10.85
N PRO A 54 -12.44 -1.64 11.49
CA PRO A 54 -12.57 -1.80 12.94
C PRO A 54 -11.55 -0.95 13.71
N SER A 55 -11.91 0.28 14.01
CA SER A 55 -11.03 1.19 14.74
C SER A 55 -11.67 1.66 16.04
N SER A 56 -10.86 1.86 17.06
CA SER A 56 -11.35 2.31 18.36
C SER A 56 -12.07 3.65 18.23
N GLY A 57 -11.48 4.56 17.45
CA GLY A 57 -12.09 5.86 17.26
C GLY A 57 -13.16 5.86 16.19
N GLY A 1 7.42 19.31 -14.92
CA GLY A 1 7.70 19.56 -16.33
C GLY A 1 6.82 18.71 -17.24
N SER A 2 6.61 19.19 -18.47
CA SER A 2 5.79 18.48 -19.43
C SER A 2 6.66 17.80 -20.49
N SER A 3 6.24 16.61 -20.92
CA SER A 3 6.98 15.87 -21.93
C SER A 3 6.06 15.42 -23.06
N GLY A 4 5.19 16.33 -23.50
CA GLY A 4 4.26 16.00 -24.57
C GLY A 4 3.67 14.62 -24.42
N SER A 5 2.80 14.46 -23.43
CA SER A 5 2.15 13.17 -23.18
C SER A 5 0.64 13.30 -23.21
N SER A 6 -0.04 12.20 -23.48
CA SER A 6 -1.50 12.19 -23.54
C SER A 6 -2.11 11.88 -22.18
N GLY A 7 -1.60 10.83 -21.53
CA GLY A 7 -2.09 10.45 -20.22
C GLY A 7 -1.76 11.47 -19.16
N ALA A 8 -2.32 11.28 -17.96
CA ALA A 8 -2.07 12.19 -16.85
C ALA A 8 -1.66 11.43 -15.60
N GLU A 9 -0.36 11.32 -15.38
CA GLU A 9 0.16 10.61 -14.22
C GLU A 9 -0.14 11.39 -12.94
N ASP A 10 -0.53 10.67 -11.90
CA ASP A 10 -0.84 11.28 -10.61
C ASP A 10 -0.44 10.37 -9.46
N ASN A 11 0.53 10.82 -8.66
CA ASN A 11 1.01 10.04 -7.53
C ASN A 11 0.06 10.19 -6.33
N LEU A 12 -0.31 9.06 -5.74
CA LEU A 12 -1.21 9.06 -4.60
C LEU A 12 -0.57 9.76 -3.40
N GLY A 13 0.57 9.25 -2.95
CA GLY A 13 1.26 9.84 -1.83
C GLY A 13 2.09 8.83 -1.06
N PRO A 14 2.95 9.33 -0.16
CA PRO A 14 3.82 8.48 0.66
C PRO A 14 3.04 7.69 1.71
N LEU A 15 3.42 6.44 1.91
CA LEU A 15 2.77 5.57 2.88
C LEU A 15 2.35 6.36 4.11
N PRO A 16 1.34 5.84 4.84
CA PRO A 16 0.84 6.47 6.07
C PRO A 16 1.83 6.40 7.21
N GLU A 17 1.36 6.63 8.43
CA GLU A 17 2.20 6.59 9.60
C GLU A 17 2.00 5.28 10.37
N ASN A 18 0.93 4.57 10.04
CA ASN A 18 0.62 3.30 10.69
C ASN A 18 1.11 2.13 9.85
N TRP A 19 2.05 2.40 8.96
CA TRP A 19 2.59 1.36 8.08
C TRP A 19 4.11 1.46 8.00
N GLU A 20 4.75 0.38 7.55
CA GLU A 20 6.20 0.35 7.42
C GLU A 20 6.63 -0.67 6.38
N MET A 21 7.18 -0.18 5.27
CA MET A 21 7.63 -1.04 4.19
C MET A 21 9.10 -1.41 4.37
N ALA A 22 9.35 -2.70 4.57
CA ALA A 22 10.71 -3.19 4.76
C ALA A 22 10.93 -4.52 4.04
N TYR A 23 12.19 -4.87 3.82
CA TYR A 23 12.53 -6.11 3.13
C TYR A 23 12.97 -7.18 4.12
N THR A 24 12.59 -8.42 3.85
CA THR A 24 12.94 -9.53 4.72
C THR A 24 14.42 -9.87 4.61
N GLU A 25 14.89 -10.77 5.48
CA GLU A 25 16.29 -11.16 5.48
C GLU A 25 16.74 -11.58 4.08
N ASN A 26 15.91 -12.37 3.41
CA ASN A 26 16.22 -12.84 2.06
C ASN A 26 16.26 -11.68 1.07
N GLY A 27 15.34 -10.72 1.25
CA GLY A 27 15.30 -9.58 0.36
C GLY A 27 13.92 -9.35 -0.21
N GLU A 28 12.90 -9.94 0.42
CA GLU A 28 11.53 -9.80 -0.04
C GLU A 28 10.90 -8.54 0.54
N VAL A 29 10.45 -7.65 -0.34
CA VAL A 29 9.83 -6.40 0.08
C VAL A 29 8.39 -6.64 0.55
N TYR A 30 8.11 -6.25 1.78
CA TYR A 30 6.77 -6.41 2.35
C TYR A 30 6.29 -5.13 3.01
N PHE A 31 5.02 -5.09 3.38
CA PHE A 31 4.43 -3.92 4.01
C PHE A 31 3.86 -4.28 5.39
N ILE A 32 4.34 -3.59 6.42
CA ILE A 32 3.89 -3.83 7.78
C ILE A 32 2.72 -2.93 8.14
N ASP A 33 1.59 -3.54 8.48
CA ASP A 33 0.39 -2.79 8.85
C ASP A 33 0.16 -2.83 10.35
N HIS A 34 0.54 -1.76 11.04
CA HIS A 34 0.37 -1.68 12.49
C HIS A 34 -1.10 -1.49 12.85
N ASN A 35 -1.75 -0.54 12.19
CA ASN A 35 -3.16 -0.26 12.45
C ASN A 35 -3.93 -1.55 12.75
N THR A 36 -3.49 -2.65 12.13
CA THR A 36 -4.13 -3.93 12.33
C THR A 36 -3.11 -5.00 12.71
N LYS A 37 -1.83 -4.64 12.68
CA LYS A 37 -0.76 -5.56 13.02
C LYS A 37 -0.74 -6.74 12.06
N THR A 38 -0.84 -6.46 10.76
CA THR A 38 -0.83 -7.49 9.75
C THR A 38 0.26 -7.23 8.71
N THR A 39 0.68 -8.29 8.02
CA THR A 39 1.72 -8.19 7.00
C THR A 39 1.18 -8.59 5.63
N SER A 40 1.58 -7.83 4.61
CA SER A 40 1.14 -8.10 3.25
C SER A 40 2.30 -8.02 2.27
N TRP A 41 2.15 -8.67 1.12
CA TRP A 41 3.19 -8.68 0.10
C TRP A 41 3.04 -7.48 -0.84
N LEU A 42 1.80 -7.06 -1.05
CA LEU A 42 1.52 -5.93 -1.94
C LEU A 42 1.38 -4.64 -1.15
N ASP A 43 1.34 -3.52 -1.84
CA ASP A 43 1.21 -2.22 -1.21
C ASP A 43 -0.25 -1.86 -0.97
N PRO A 44 -0.54 -1.21 0.17
CA PRO A 44 -1.90 -0.81 0.53
C PRO A 44 -2.43 0.31 -0.35
N ARG A 45 -1.61 1.32 -0.57
CA ARG A 45 -2.01 2.46 -1.41
C ARG A 45 -2.73 1.98 -2.66
N CYS A 46 -2.30 0.85 -3.19
CA CYS A 46 -2.92 0.29 -4.39
C CYS A 46 -4.42 0.07 -4.18
N LEU A 47 -4.77 -0.49 -3.03
CA LEU A 47 -6.17 -0.75 -2.71
C LEU A 47 -6.62 0.08 -1.51
N ASN A 48 -7.71 0.82 -1.69
CA ASN A 48 -8.24 1.65 -0.62
C ASN A 48 -9.69 1.29 -0.31
N LYS A 49 -9.99 1.14 0.97
CA LYS A 49 -11.34 0.77 1.41
C LYS A 49 -12.02 1.96 2.08
N GLN A 50 -13.29 2.19 1.73
CA GLN A 50 -14.06 3.29 2.29
C GLN A 50 -15.15 2.77 3.22
N GLN A 51 -15.63 3.63 4.10
CA GLN A 51 -16.68 3.26 5.04
C GLN A 51 -17.70 2.34 4.39
N SER A 52 -18.15 2.73 3.20
CA SER A 52 -19.14 1.94 2.47
C SER A 52 -18.63 0.51 2.24
N GLY A 53 -19.56 -0.39 1.90
CA GLY A 53 -19.19 -1.77 1.67
C GLY A 53 -18.98 -2.07 0.20
N PRO A 54 -20.09 -2.12 -0.55
CA PRO A 54 -20.05 -2.41 -1.99
C PRO A 54 -19.43 -1.27 -2.80
N SER A 55 -19.43 -1.41 -4.11
CA SER A 55 -18.87 -0.39 -4.99
C SER A 55 -19.53 -0.43 -6.37
N SER A 56 -19.26 0.58 -7.18
CA SER A 56 -19.83 0.66 -8.52
C SER A 56 -19.75 -0.69 -9.23
N GLY A 57 -20.72 -0.96 -10.10
CA GLY A 57 -20.74 -2.21 -10.83
C GLY A 57 -21.99 -2.37 -11.69
N GLY A 1 11.24 6.07 -23.18
CA GLY A 1 9.89 5.85 -22.75
C GLY A 1 8.87 6.43 -23.71
N SER A 2 7.76 5.74 -23.90
CA SER A 2 6.71 6.20 -24.80
C SER A 2 5.93 7.36 -24.20
N SER A 3 5.36 7.12 -23.02
CA SER A 3 4.58 8.15 -22.33
C SER A 3 5.39 9.43 -22.19
N GLY A 4 4.69 10.57 -22.17
CA GLY A 4 5.36 11.85 -22.04
C GLY A 4 4.39 12.98 -21.79
N SER A 5 3.63 12.89 -20.70
CA SER A 5 2.66 13.91 -20.36
C SER A 5 3.24 15.31 -20.57
N SER A 6 2.36 16.31 -20.64
CA SER A 6 2.78 17.69 -20.84
C SER A 6 2.82 18.45 -19.52
N GLY A 7 1.85 18.18 -18.66
CA GLY A 7 1.79 18.85 -17.38
C GLY A 7 2.66 18.16 -16.33
N ALA A 8 2.04 17.79 -15.22
CA ALA A 8 2.77 17.12 -14.14
C ALA A 8 1.91 16.05 -13.47
N GLU A 9 2.46 14.86 -13.31
CA GLU A 9 1.74 13.75 -12.69
C GLU A 9 1.78 13.87 -11.17
N ASP A 10 0.77 13.31 -10.51
CA ASP A 10 0.69 13.35 -9.05
C ASP A 10 0.31 11.98 -8.49
N ASN A 11 1.27 11.32 -7.86
CA ASN A 11 1.02 9.99 -7.28
C ASN A 11 0.05 10.08 -6.12
N LEU A 12 -0.42 8.93 -5.65
CA LEU A 12 -1.36 8.87 -4.54
C LEU A 12 -0.79 9.58 -3.31
N GLY A 13 0.43 9.22 -2.94
CA GLY A 13 1.06 9.83 -1.79
C GLY A 13 1.92 8.86 -1.01
N PRO A 14 2.75 9.38 -0.10
CA PRO A 14 3.63 8.55 0.73
C PRO A 14 2.87 7.74 1.77
N LEU A 15 3.33 6.52 2.01
CA LEU A 15 2.69 5.62 2.96
C LEU A 15 2.26 6.38 4.22
N PRO A 16 1.26 5.85 4.92
CA PRO A 16 0.73 6.46 6.15
C PRO A 16 1.73 6.38 7.30
N GLU A 17 1.27 6.73 8.49
CA GLU A 17 2.11 6.69 9.68
C GLU A 17 1.94 5.39 10.45
N ASN A 18 0.93 4.62 10.05
CA ASN A 18 0.65 3.34 10.70
C ASN A 18 1.14 2.18 9.84
N TRP A 19 2.08 2.45 8.96
CA TRP A 19 2.64 1.43 8.07
C TRP A 19 4.15 1.55 7.97
N GLU A 20 4.80 0.45 7.59
CA GLU A 20 6.25 0.44 7.46
C GLU A 20 6.70 -0.58 6.41
N MET A 21 7.27 -0.08 5.32
CA MET A 21 7.74 -0.94 4.25
C MET A 21 9.17 -1.39 4.49
N ALA A 22 9.38 -2.70 4.58
CA ALA A 22 10.70 -3.25 4.81
C ALA A 22 10.89 -4.57 4.07
N TYR A 23 12.14 -4.96 3.85
CA TYR A 23 12.45 -6.20 3.15
C TYR A 23 12.85 -7.30 4.13
N THR A 24 12.45 -8.53 3.82
CA THR A 24 12.77 -9.66 4.68
C THR A 24 14.24 -10.04 4.57
N GLU A 25 14.75 -10.71 5.60
CA GLU A 25 16.16 -11.13 5.61
C GLU A 25 16.57 -11.68 4.25
N ASN A 26 15.67 -12.41 3.61
CA ASN A 26 15.95 -12.99 2.30
C ASN A 26 16.09 -11.91 1.24
N GLY A 27 15.24 -10.89 1.33
CA GLY A 27 15.29 -9.80 0.38
C GLY A 27 13.95 -9.55 -0.29
N GLU A 28 12.87 -9.90 0.41
CA GLU A 28 11.53 -9.72 -0.13
C GLU A 28 10.87 -8.47 0.47
N VAL A 29 10.50 -7.53 -0.39
CA VAL A 29 9.87 -6.29 0.04
C VAL A 29 8.43 -6.54 0.51
N TYR A 30 8.14 -6.14 1.73
CA TYR A 30 6.81 -6.31 2.30
C TYR A 30 6.33 -5.04 2.98
N PHE A 31 5.04 -4.99 3.31
CA PHE A 31 4.46 -3.83 3.97
C PHE A 31 3.91 -4.21 5.34
N ILE A 32 4.37 -3.50 6.37
CA ILE A 32 3.92 -3.77 7.73
C ILE A 32 2.74 -2.88 8.11
N ASP A 33 1.63 -3.49 8.45
CA ASP A 33 0.43 -2.76 8.84
C ASP A 33 0.21 -2.82 10.35
N HIS A 34 0.58 -1.75 11.04
CA HIS A 34 0.43 -1.68 12.49
C HIS A 34 -1.04 -1.51 12.87
N ASN A 35 -1.71 -0.58 12.21
CA ASN A 35 -3.13 -0.31 12.48
C ASN A 35 -3.87 -1.60 12.79
N THR A 36 -3.41 -2.70 12.19
CA THR A 36 -4.04 -4.00 12.40
C THR A 36 -3.00 -5.06 12.76
N LYS A 37 -1.73 -4.67 12.71
CA LYS A 37 -0.64 -5.59 13.03
C LYS A 37 -0.61 -6.76 12.06
N THR A 38 -0.71 -6.45 10.77
CA THR A 38 -0.68 -7.48 9.73
C THR A 38 0.45 -7.25 8.74
N THR A 39 0.75 -8.26 7.94
CA THR A 39 1.82 -8.17 6.96
C THR A 39 1.33 -8.61 5.58
N SER A 40 1.64 -7.81 4.56
CA SER A 40 1.24 -8.12 3.20
C SER A 40 2.44 -8.05 2.24
N TRP A 41 2.26 -8.62 1.05
CA TRP A 41 3.33 -8.62 0.05
C TRP A 41 3.18 -7.46 -0.91
N LEU A 42 1.93 -7.05 -1.16
CA LEU A 42 1.65 -5.95 -2.06
C LEU A 42 1.52 -4.63 -1.29
N ASP A 43 1.32 -3.54 -2.02
CA ASP A 43 1.18 -2.22 -1.41
C ASP A 43 -0.28 -1.92 -1.10
N PRO A 44 -0.53 -1.26 0.05
CA PRO A 44 -1.88 -0.91 0.48
C PRO A 44 -2.50 0.19 -0.39
N ARG A 45 -1.71 1.23 -0.67
CA ARG A 45 -2.18 2.35 -1.48
C ARG A 45 -2.88 1.84 -2.74
N CYS A 46 -2.43 0.69 -3.24
CA CYS A 46 -3.01 0.09 -4.44
C CYS A 46 -4.44 -0.34 -4.19
N LEU A 47 -4.70 -0.82 -2.98
CA LEU A 47 -6.05 -1.28 -2.60
C LEU A 47 -6.69 -0.34 -1.59
N ASN A 48 -7.99 -0.51 -1.37
CA ASN A 48 -8.71 0.33 -0.42
C ASN A 48 -9.23 -0.50 0.74
N LYS A 49 -9.84 -1.64 0.43
CA LYS A 49 -10.38 -2.53 1.46
C LYS A 49 -9.34 -2.80 2.54
N GLN A 50 -9.79 -2.84 3.79
CA GLN A 50 -8.90 -3.10 4.91
C GLN A 50 -8.65 -4.59 5.08
N GLN A 51 -9.73 -5.35 5.23
CA GLN A 51 -9.64 -6.79 5.40
C GLN A 51 -10.58 -7.52 4.45
N SER A 52 -10.12 -8.61 3.86
CA SER A 52 -10.93 -9.39 2.94
C SER A 52 -10.33 -10.78 2.74
N GLY A 53 -11.20 -11.75 2.48
CA GLY A 53 -10.74 -13.12 2.27
C GLY A 53 -9.49 -13.20 1.43
N PRO A 54 -8.63 -14.19 1.71
CA PRO A 54 -7.38 -14.39 0.98
C PRO A 54 -7.61 -14.85 -0.44
N SER A 55 -7.18 -14.04 -1.41
CA SER A 55 -7.34 -14.38 -2.82
C SER A 55 -5.99 -14.68 -3.46
N SER A 56 -5.10 -15.31 -2.70
CA SER A 56 -3.77 -15.65 -3.19
C SER A 56 -3.85 -16.24 -4.60
N GLY A 57 -4.67 -17.29 -4.75
CA GLY A 57 -4.81 -17.93 -6.05
C GLY A 57 -4.84 -19.44 -5.95
N GLY A 1 -16.12 15.60 -13.27
CA GLY A 1 -17.22 14.68 -13.49
C GLY A 1 -16.93 13.67 -14.58
N SER A 2 -16.57 12.45 -14.16
CA SER A 2 -16.25 11.38 -15.11
C SER A 2 -16.48 10.01 -14.48
N SER A 3 -17.50 9.31 -14.95
CA SER A 3 -17.83 7.99 -14.43
C SER A 3 -17.25 6.90 -15.33
N GLY A 4 -16.05 6.46 -15.00
CA GLY A 4 -15.40 5.42 -15.78
C GLY A 4 -15.81 4.03 -15.35
N SER A 5 -15.50 3.04 -16.19
CA SER A 5 -15.85 1.65 -15.88
C SER A 5 -14.73 0.98 -15.08
N SER A 6 -13.55 0.90 -15.68
CA SER A 6 -12.40 0.28 -15.03
C SER A 6 -11.78 1.22 -14.00
N GLY A 7 -11.65 2.48 -14.37
CA GLY A 7 -11.08 3.47 -13.46
C GLY A 7 -9.57 3.32 -13.34
N ALA A 8 -8.84 4.12 -14.12
CA ALA A 8 -7.38 4.09 -14.10
C ALA A 8 -6.86 4.14 -12.67
N GLU A 9 -5.55 3.93 -12.51
CA GLU A 9 -4.92 3.95 -11.20
C GLU A 9 -4.42 5.35 -10.85
N ASP A 10 -4.62 5.73 -9.60
CA ASP A 10 -4.19 7.05 -9.13
C ASP A 10 -3.11 6.92 -8.06
N ASN A 11 -1.85 6.92 -8.50
CA ASN A 11 -0.72 6.80 -7.59
C ASN A 11 -0.91 7.70 -6.37
N LEU A 12 -1.11 7.08 -5.21
CA LEU A 12 -1.30 7.83 -3.98
C LEU A 12 0.01 8.43 -3.48
N GLY A 13 -0.05 9.21 -2.40
CA GLY A 13 1.14 9.82 -1.86
C GLY A 13 2.00 8.83 -1.09
N PRO A 14 2.85 9.37 -0.19
CA PRO A 14 3.75 8.53 0.63
C PRO A 14 2.99 7.72 1.67
N LEU A 15 3.43 6.48 1.87
CA LEU A 15 2.79 5.59 2.84
C LEU A 15 2.37 6.37 4.08
N PRO A 16 1.36 5.85 4.79
CA PRO A 16 0.84 6.47 6.01
C PRO A 16 1.83 6.37 7.17
N GLU A 17 1.34 6.66 8.38
CA GLU A 17 2.18 6.61 9.57
C GLU A 17 2.00 5.28 10.32
N ASN A 18 0.91 4.58 10.00
CA ASN A 18 0.62 3.30 10.63
C ASN A 18 1.11 2.14 9.78
N TRP A 19 2.06 2.42 8.90
CA TRP A 19 2.62 1.40 8.02
C TRP A 19 4.14 1.51 7.95
N GLU A 20 4.80 0.41 7.62
CA GLU A 20 6.26 0.38 7.52
C GLU A 20 6.71 -0.64 6.48
N MET A 21 7.29 -0.14 5.39
CA MET A 21 7.77 -1.01 4.32
C MET A 21 9.21 -1.45 4.59
N ALA A 22 9.40 -2.75 4.75
CA ALA A 22 10.72 -3.31 4.99
C ALA A 22 10.95 -4.58 4.20
N TYR A 23 12.22 -4.97 4.04
CA TYR A 23 12.56 -6.17 3.30
C TYR A 23 12.99 -7.29 4.24
N THR A 24 12.63 -8.52 3.90
CA THR A 24 12.99 -9.68 4.71
C THR A 24 14.47 -9.98 4.61
N GLU A 25 14.93 -10.94 5.42
CA GLU A 25 16.33 -11.33 5.42
C GLU A 25 16.78 -11.77 4.03
N ASN A 26 15.88 -12.44 3.31
CA ASN A 26 16.19 -12.92 1.97
C ASN A 26 16.25 -11.75 0.98
N GLY A 27 15.41 -10.74 1.22
CA GLY A 27 15.38 -9.59 0.34
C GLY A 27 14.01 -9.35 -0.26
N GLU A 28 12.97 -9.83 0.42
CA GLU A 28 11.61 -9.67 -0.04
C GLU A 28 10.97 -8.43 0.56
N VAL A 29 10.56 -7.50 -0.30
CA VAL A 29 9.94 -6.26 0.14
C VAL A 29 8.49 -6.49 0.55
N TYR A 30 8.18 -6.19 1.80
CA TYR A 30 6.82 -6.36 2.32
C TYR A 30 6.32 -5.08 2.99
N PHE A 31 5.05 -5.06 3.33
CA PHE A 31 4.45 -3.90 3.97
C PHE A 31 3.88 -4.26 5.34
N ILE A 32 4.35 -3.55 6.37
CA ILE A 32 3.89 -3.81 7.74
C ILE A 32 2.71 -2.91 8.10
N ASP A 33 1.58 -3.52 8.44
CA ASP A 33 0.39 -2.78 8.82
C ASP A 33 0.16 -2.83 10.33
N HIS A 34 0.53 -1.75 11.00
CA HIS A 34 0.37 -1.68 12.46
C HIS A 34 -1.10 -1.50 12.82
N ASN A 35 -1.76 -0.56 12.16
CA ASN A 35 -3.17 -0.29 12.42
C ASN A 35 -3.93 -1.58 12.73
N THR A 36 -3.48 -2.68 12.12
CA THR A 36 -4.12 -3.98 12.33
C THR A 36 -3.08 -5.05 12.67
N LYS A 37 -1.82 -4.64 12.72
CA LYS A 37 -0.73 -5.56 13.03
C LYS A 37 -0.73 -6.74 12.06
N THR A 38 -0.81 -6.45 10.78
CA THR A 38 -0.82 -7.48 9.75
C THR A 38 0.27 -7.23 8.72
N THR A 39 0.69 -8.29 8.04
CA THR A 39 1.73 -8.19 7.02
C THR A 39 1.20 -8.60 5.65
N SER A 40 1.56 -7.83 4.63
CA SER A 40 1.12 -8.10 3.27
C SER A 40 2.29 -8.00 2.30
N TRP A 41 2.14 -8.65 1.14
CA TRP A 41 3.18 -8.64 0.12
C TRP A 41 3.00 -7.46 -0.83
N LEU A 42 1.75 -7.05 -1.02
CA LEU A 42 1.44 -5.93 -1.90
C LEU A 42 1.34 -4.62 -1.12
N ASP A 43 1.12 -3.53 -1.83
CA ASP A 43 1.00 -2.22 -1.20
C ASP A 43 -0.46 -1.86 -0.98
N PRO A 44 -0.73 -1.20 0.16
CA PRO A 44 -2.09 -0.77 0.52
C PRO A 44 -2.62 0.34 -0.37
N ARG A 45 -1.77 1.34 -0.62
CA ARG A 45 -2.15 2.47 -1.46
C ARG A 45 -2.85 1.99 -2.73
N CYS A 46 -2.46 0.81 -3.20
CA CYS A 46 -3.05 0.24 -4.41
C CYS A 46 -4.56 0.14 -4.28
N LEU A 47 -5.03 -0.26 -3.10
CA LEU A 47 -6.45 -0.41 -2.83
C LEU A 47 -7.22 0.80 -3.37
N ASN A 48 -8.45 0.55 -3.84
CA ASN A 48 -9.29 1.62 -4.37
C ASN A 48 -9.85 2.48 -3.24
N LYS A 49 -10.47 1.83 -2.26
CA LYS A 49 -11.05 2.54 -1.12
C LYS A 49 -9.96 3.20 -0.28
N GLN A 50 -10.33 4.25 0.44
CA GLN A 50 -9.39 4.97 1.29
C GLN A 50 -10.06 5.42 2.58
N GLN A 51 -9.25 5.87 3.53
CA GLN A 51 -9.77 6.33 4.82
C GLN A 51 -8.90 7.46 5.37
N SER A 52 -9.55 8.47 5.94
CA SER A 52 -8.85 9.61 6.51
C SER A 52 -8.64 9.43 8.01
N GLY A 53 -9.69 9.01 8.70
CA GLY A 53 -9.60 8.81 10.14
C GLY A 53 -10.30 9.91 10.92
N PRO A 54 -10.51 9.67 12.21
CA PRO A 54 -11.18 10.63 13.10
C PRO A 54 -10.30 11.85 13.38
N SER A 55 -9.07 11.81 12.90
CA SER A 55 -8.14 12.91 13.10
C SER A 55 -8.86 14.25 13.02
N SER A 56 -8.39 15.21 13.81
CA SER A 56 -8.99 16.55 13.84
C SER A 56 -7.97 17.61 13.47
N GLY A 57 -8.47 18.78 13.07
CA GLY A 57 -7.58 19.86 12.68
C GLY A 57 -8.07 20.60 11.45
N GLY A 1 12.48 -2.56 -24.13
CA GLY A 1 11.71 -3.57 -23.44
C GLY A 1 11.17 -4.64 -24.37
N SER A 2 11.27 -5.89 -23.95
CA SER A 2 10.79 -7.00 -24.76
C SER A 2 9.71 -7.79 -24.02
N SER A 3 10.07 -8.37 -22.88
CA SER A 3 9.14 -9.15 -22.08
C SER A 3 9.20 -8.73 -20.61
N GLY A 4 8.12 -8.14 -20.12
CA GLY A 4 8.07 -7.71 -18.74
C GLY A 4 6.75 -8.06 -18.07
N SER A 5 6.79 -8.23 -16.75
CA SER A 5 5.60 -8.57 -15.98
C SER A 5 4.73 -7.33 -15.76
N SER A 6 3.42 -7.55 -15.70
CA SER A 6 2.48 -6.45 -15.48
C SER A 6 2.94 -5.56 -14.34
N GLY A 7 2.52 -4.29 -14.37
CA GLY A 7 2.90 -3.36 -13.33
C GLY A 7 2.58 -1.92 -13.70
N ALA A 8 1.30 -1.64 -13.91
CA ALA A 8 0.86 -0.29 -14.27
C ALA A 8 1.62 0.76 -13.47
N GLU A 9 2.11 1.79 -14.16
CA GLU A 9 2.86 2.86 -13.52
C GLU A 9 1.93 3.75 -12.69
N ASP A 10 2.15 3.75 -11.38
CA ASP A 10 1.33 4.55 -10.47
C ASP A 10 2.14 4.99 -9.26
N ASN A 11 2.30 6.30 -9.09
CA ASN A 11 3.06 6.85 -7.97
C ASN A 11 2.15 7.67 -7.06
N LEU A 12 1.44 6.98 -6.17
CA LEU A 12 0.54 7.64 -5.24
C LEU A 12 1.31 8.28 -4.09
N GLY A 13 0.60 9.00 -3.23
CA GLY A 13 1.24 9.65 -2.10
C GLY A 13 2.07 8.68 -1.26
N PRO A 14 2.86 9.24 -0.33
CA PRO A 14 3.72 8.43 0.54
C PRO A 14 2.91 7.62 1.55
N LEU A 15 3.45 6.46 1.93
CA LEU A 15 2.79 5.59 2.89
C LEU A 15 2.36 6.37 4.13
N PRO A 16 1.36 5.83 4.85
CA PRO A 16 0.84 6.46 6.07
C PRO A 16 1.83 6.39 7.23
N GLU A 17 1.34 6.64 8.43
CA GLU A 17 2.18 6.59 9.63
C GLU A 17 2.00 5.28 10.37
N ASN A 18 0.92 4.57 10.06
CA ASN A 18 0.64 3.28 10.71
C ASN A 18 1.13 2.13 9.85
N TRP A 19 2.07 2.41 8.96
CA TRP A 19 2.63 1.38 8.08
C TRP A 19 4.14 1.49 8.01
N GLU A 20 4.79 0.41 7.58
CA GLU A 20 6.24 0.38 7.48
C GLU A 20 6.69 -0.64 6.43
N MET A 21 7.25 -0.13 5.32
CA MET A 21 7.71 -0.99 4.25
C MET A 21 9.15 -1.42 4.48
N ALA A 22 9.37 -2.73 4.62
CA ALA A 22 10.71 -3.26 4.84
C ALA A 22 10.91 -4.58 4.09
N TYR A 23 12.17 -4.95 3.90
CA TYR A 23 12.50 -6.17 3.18
C TYR A 23 12.99 -7.26 4.15
N THR A 24 12.58 -8.50 3.88
CA THR A 24 12.96 -9.61 4.73
C THR A 24 14.44 -9.96 4.55
N GLU A 25 15.04 -10.54 5.58
CA GLU A 25 16.44 -10.91 5.53
C GLU A 25 16.82 -11.45 4.14
N ASN A 26 15.94 -12.27 3.58
CA ASN A 26 16.18 -12.85 2.26
C ASN A 26 16.27 -11.76 1.20
N GLY A 27 15.39 -10.77 1.30
CA GLY A 27 15.39 -9.67 0.35
C GLY A 27 14.02 -9.45 -0.26
N GLU A 28 12.98 -9.95 0.41
CA GLU A 28 11.61 -9.80 -0.07
C GLU A 28 10.95 -8.56 0.54
N VAL A 29 10.53 -7.64 -0.32
CA VAL A 29 9.89 -6.42 0.15
C VAL A 29 8.46 -6.69 0.61
N TYR A 30 8.12 -6.20 1.79
CA TYR A 30 6.79 -6.39 2.36
C TYR A 30 6.29 -5.11 3.02
N PHE A 31 5.00 -5.10 3.35
CA PHE A 31 4.39 -3.93 3.99
C PHE A 31 3.85 -4.29 5.36
N ILE A 32 4.32 -3.58 6.39
CA ILE A 32 3.88 -3.82 7.75
C ILE A 32 2.71 -2.92 8.12
N ASP A 33 1.58 -3.54 8.49
CA ASP A 33 0.40 -2.79 8.87
C ASP A 33 0.18 -2.84 10.38
N HIS A 34 0.56 -1.75 11.06
CA HIS A 34 0.41 -1.68 12.50
C HIS A 34 -1.06 -1.50 12.89
N ASN A 35 -1.73 -0.58 12.22
CA ASN A 35 -3.14 -0.31 12.50
C ASN A 35 -3.89 -1.60 12.81
N THR A 36 -3.45 -2.70 12.21
CA THR A 36 -4.07 -4.00 12.43
C THR A 36 -3.03 -5.06 12.76
N LYS A 37 -1.76 -4.68 12.70
CA LYS A 37 -0.66 -5.60 13.00
C LYS A 37 -0.66 -6.77 12.02
N THR A 38 -0.79 -6.46 10.73
CA THR A 38 -0.80 -7.50 9.70
C THR A 38 0.26 -7.22 8.64
N THR A 39 0.69 -8.28 7.96
CA THR A 39 1.72 -8.17 6.93
C THR A 39 1.18 -8.61 5.58
N SER A 40 1.44 -7.82 4.55
CA SER A 40 0.99 -8.14 3.20
C SER A 40 2.15 -8.11 2.21
N TRP A 41 1.92 -8.67 1.03
CA TRP A 41 2.95 -8.70 -0.02
C TRP A 41 2.80 -7.52 -0.96
N LEU A 42 1.57 -7.07 -1.15
CA LEU A 42 1.29 -5.95 -2.03
C LEU A 42 1.27 -4.63 -1.26
N ASP A 43 1.14 -3.53 -1.97
CA ASP A 43 1.10 -2.21 -1.35
C ASP A 43 -0.33 -1.80 -1.03
N PRO A 44 -0.51 -1.12 0.11
CA PRO A 44 -1.83 -0.66 0.56
C PRO A 44 -2.38 0.46 -0.32
N ARG A 45 -1.55 1.46 -0.59
CA ARG A 45 -1.95 2.59 -1.42
C ARG A 45 -2.77 2.12 -2.62
N CYS A 46 -2.42 0.95 -3.14
CA CYS A 46 -3.13 0.39 -4.29
C CYS A 46 -4.62 0.69 -4.21
N LEU A 47 -5.23 0.36 -3.08
CA LEU A 47 -6.65 0.59 -2.89
C LEU A 47 -6.89 1.97 -2.27
N ASN A 48 -6.18 2.26 -1.18
CA ASN A 48 -6.33 3.54 -0.49
C ASN A 48 -7.79 3.98 -0.48
N LYS A 49 -8.67 3.07 -0.10
CA LYS A 49 -10.10 3.37 -0.03
C LYS A 49 -10.33 4.80 0.46
N GLN A 50 -11.24 5.51 -0.20
CA GLN A 50 -11.55 6.89 0.18
C GLN A 50 -12.82 6.94 1.02
N GLN A 51 -12.96 5.99 1.94
CA GLN A 51 -14.12 5.94 2.81
C GLN A 51 -14.04 6.99 3.91
N SER A 52 -12.89 7.06 4.56
CA SER A 52 -12.68 8.02 5.63
C SER A 52 -12.02 9.29 5.10
N GLY A 53 -12.83 10.31 4.85
CA GLY A 53 -12.31 11.57 4.34
C GLY A 53 -12.02 12.57 5.43
N PRO A 54 -11.65 13.79 5.04
CA PRO A 54 -11.34 14.86 6.00
C PRO A 54 -12.57 15.36 6.74
N SER A 55 -13.74 14.92 6.30
CA SER A 55 -15.00 15.32 6.92
C SER A 55 -15.02 14.95 8.39
N SER A 56 -14.64 15.89 9.25
CA SER A 56 -14.61 15.66 10.69
C SER A 56 -15.53 16.64 11.41
N GLY A 57 -15.41 17.92 11.07
CA GLY A 57 -16.25 18.93 11.70
C GLY A 57 -15.98 19.06 13.18
N GLY A 1 7.45 5.24 -8.31
CA GLY A 1 6.18 5.35 -9.00
C GLY A 1 6.03 4.34 -10.12
N SER A 2 5.30 3.26 -9.85
CA SER A 2 5.08 2.21 -10.83
C SER A 2 4.63 2.81 -12.16
N SER A 3 5.44 2.61 -13.19
CA SER A 3 5.13 3.13 -14.53
C SER A 3 4.71 2.00 -15.46
N GLY A 4 3.56 2.18 -16.13
CA GLY A 4 3.07 1.18 -17.04
C GLY A 4 1.61 1.40 -17.41
N SER A 5 0.74 1.41 -16.40
CA SER A 5 -0.69 1.61 -16.63
C SER A 5 -0.94 2.83 -17.50
N SER A 6 -1.09 2.61 -18.80
CA SER A 6 -1.33 3.70 -19.74
C SER A 6 -2.41 4.63 -19.21
N GLY A 7 -2.39 5.88 -19.70
CA GLY A 7 -3.37 6.85 -19.27
C GLY A 7 -2.73 8.06 -18.61
N ALA A 8 -3.46 8.68 -17.69
CA ALA A 8 -2.96 9.85 -16.98
C ALA A 8 -2.12 9.45 -15.78
N GLU A 9 -1.48 10.42 -15.14
CA GLU A 9 -0.64 10.17 -13.98
C GLU A 9 -1.43 10.32 -12.69
N ASP A 10 -1.23 9.40 -11.77
CA ASP A 10 -1.93 9.44 -10.48
C ASP A 10 -0.95 9.25 -9.32
N ASN A 11 -0.74 10.30 -8.55
CA ASN A 11 0.16 10.24 -7.40
C ASN A 11 -0.58 9.82 -6.14
N LEU A 12 -0.50 8.54 -5.81
CA LEU A 12 -1.17 8.01 -4.61
C LEU A 12 -0.69 8.73 -3.36
N GLY A 13 0.63 8.87 -3.24
CA GLY A 13 1.20 9.54 -2.09
C GLY A 13 2.05 8.62 -1.23
N PRO A 14 2.82 9.20 -0.31
CA PRO A 14 3.70 8.44 0.59
C PRO A 14 2.90 7.62 1.61
N LEU A 15 3.40 6.43 1.90
CA LEU A 15 2.74 5.55 2.86
C LEU A 15 2.32 6.32 4.11
N PRO A 16 1.31 5.79 4.83
CA PRO A 16 0.80 6.41 6.05
C PRO A 16 1.80 6.33 7.21
N GLU A 17 1.33 6.63 8.41
CA GLU A 17 2.18 6.60 9.60
C GLU A 17 2.00 5.29 10.36
N ASN A 18 0.93 4.56 10.02
CA ASN A 18 0.64 3.29 10.67
C ASN A 18 1.12 2.11 9.82
N TRP A 19 2.07 2.39 8.94
CA TRP A 19 2.61 1.36 8.06
C TRP A 19 4.13 1.46 7.98
N GLU A 20 4.77 0.36 7.56
CA GLU A 20 6.22 0.33 7.44
C GLU A 20 6.66 -0.68 6.38
N MET A 21 7.20 -0.18 5.28
CA MET A 21 7.66 -1.03 4.19
C MET A 21 9.12 -1.41 4.38
N ALA A 22 9.36 -2.71 4.56
CA ALA A 22 10.71 -3.22 4.75
C ALA A 22 10.92 -4.53 4.02
N TYR A 23 12.17 -4.92 3.84
CA TYR A 23 12.51 -6.16 3.15
C TYR A 23 12.97 -7.23 4.13
N THR A 24 12.56 -8.47 3.89
CA THR A 24 12.92 -9.58 4.76
C THR A 24 14.40 -9.95 4.58
N GLU A 25 14.97 -10.57 5.60
CA GLU A 25 16.37 -10.99 5.55
C GLU A 25 16.74 -11.50 4.16
N ASN A 26 15.88 -12.34 3.61
CA ASN A 26 16.12 -12.90 2.27
C ASN A 26 16.22 -11.80 1.23
N GLY A 27 15.31 -10.84 1.30
CA GLY A 27 15.30 -9.74 0.35
C GLY A 27 13.94 -9.51 -0.26
N GLU A 28 12.90 -9.94 0.43
CA GLU A 28 11.53 -9.78 -0.05
C GLU A 28 10.90 -8.52 0.52
N VAL A 29 10.46 -7.62 -0.35
CA VAL A 29 9.83 -6.37 0.07
C VAL A 29 8.40 -6.61 0.52
N TYR A 30 8.09 -6.23 1.75
CA TYR A 30 6.76 -6.40 2.31
C TYR A 30 6.27 -5.12 2.97
N PHE A 31 5.00 -5.09 3.34
CA PHE A 31 4.41 -3.92 3.99
C PHE A 31 3.85 -4.28 5.36
N ILE A 32 4.34 -3.60 6.40
CA ILE A 32 3.88 -3.85 7.75
C ILE A 32 2.72 -2.94 8.13
N ASP A 33 1.59 -3.55 8.47
CA ASP A 33 0.40 -2.79 8.84
C ASP A 33 0.17 -2.85 10.36
N HIS A 34 0.56 -1.78 11.04
CA HIS A 34 0.40 -1.71 12.49
C HIS A 34 -1.07 -1.52 12.87
N ASN A 35 -1.73 -0.58 12.20
CA ASN A 35 -3.13 -0.31 12.47
C ASN A 35 -3.89 -1.59 12.79
N THR A 36 -3.46 -2.69 12.19
CA THR A 36 -4.09 -3.99 12.41
C THR A 36 -3.05 -5.06 12.77
N LYS A 37 -1.78 -4.68 12.72
CA LYS A 37 -0.70 -5.59 13.04
C LYS A 37 -0.68 -6.77 12.07
N THR A 38 -0.79 -6.47 10.78
CA THR A 38 -0.77 -7.49 9.74
C THR A 38 0.37 -7.28 8.77
N THR A 39 0.66 -8.30 7.96
CA THR A 39 1.73 -8.23 6.98
C THR A 39 1.24 -8.65 5.60
N SER A 40 1.54 -7.84 4.59
CA SER A 40 1.13 -8.13 3.22
C SER A 40 2.31 -8.03 2.27
N TRP A 41 2.15 -8.57 1.08
CA TRP A 41 3.20 -8.55 0.06
C TRP A 41 3.04 -7.36 -0.87
N LEU A 42 1.80 -6.97 -1.10
CA LEU A 42 1.50 -5.84 -1.99
C LEU A 42 1.41 -4.54 -1.19
N ASP A 43 1.26 -3.42 -1.89
CA ASP A 43 1.17 -2.12 -1.25
C ASP A 43 -0.30 -1.75 -0.98
N PRO A 44 -0.53 -1.10 0.16
CA PRO A 44 -1.88 -0.68 0.57
C PRO A 44 -2.43 0.44 -0.31
N ARG A 45 -1.60 1.45 -0.57
CA ARG A 45 -2.01 2.58 -1.40
C ARG A 45 -2.76 2.10 -2.64
N CYS A 46 -2.39 0.93 -3.13
CA CYS A 46 -3.02 0.35 -4.31
C CYS A 46 -4.49 0.06 -4.05
N LEU A 47 -4.79 -0.42 -2.85
CA LEU A 47 -6.16 -0.75 -2.48
C LEU A 47 -6.96 0.51 -2.20
N ASN A 48 -8.24 0.34 -1.87
CA ASN A 48 -9.11 1.46 -1.57
C ASN A 48 -9.56 1.45 -0.12
N LYS A 49 -9.99 0.28 0.35
CA LYS A 49 -10.43 0.13 1.73
C LYS A 49 -11.75 0.86 1.96
N GLN A 50 -12.67 0.72 1.01
CA GLN A 50 -13.97 1.37 1.12
C GLN A 50 -14.84 0.69 2.18
N GLN A 51 -15.06 -0.61 2.02
CA GLN A 51 -15.86 -1.37 2.96
C GLN A 51 -17.20 -0.69 3.20
N SER A 52 -17.82 -0.18 2.14
CA SER A 52 -19.09 0.51 2.24
C SER A 52 -20.19 -0.28 1.51
N GLY A 53 -20.96 -1.04 2.28
CA GLY A 53 -22.03 -1.83 1.69
C GLY A 53 -22.48 -2.97 2.59
N PRO A 54 -23.70 -3.44 2.39
CA PRO A 54 -24.28 -4.53 3.17
C PRO A 54 -23.61 -5.88 2.87
N SER A 55 -22.58 -6.21 3.65
CA SER A 55 -21.85 -7.46 3.45
C SER A 55 -22.40 -8.55 4.37
N SER A 56 -22.76 -9.67 3.77
CA SER A 56 -23.31 -10.80 4.54
C SER A 56 -22.57 -10.96 5.86
N GLY A 57 -21.24 -11.01 5.79
CA GLY A 57 -20.45 -11.17 7.00
C GLY A 57 -19.32 -10.16 7.07
N GLY A 1 4.79 14.39 -20.32
CA GLY A 1 5.99 13.67 -19.96
C GLY A 1 5.69 12.45 -19.10
N SER A 2 6.37 11.35 -19.39
CA SER A 2 6.17 10.11 -18.64
C SER A 2 7.09 10.06 -17.43
N SER A 3 6.74 9.20 -16.47
CA SER A 3 7.54 9.07 -15.24
C SER A 3 8.68 8.07 -15.46
N GLY A 4 8.35 6.87 -15.91
CA GLY A 4 9.35 5.85 -16.14
C GLY A 4 8.75 4.50 -16.47
N SER A 5 8.38 4.30 -17.73
CA SER A 5 7.78 3.05 -18.17
C SER A 5 6.71 2.58 -17.18
N SER A 6 5.92 3.53 -16.71
CA SER A 6 4.85 3.22 -15.75
C SER A 6 3.49 3.55 -16.34
N GLY A 7 3.30 3.22 -17.62
CA GLY A 7 2.05 3.48 -18.27
C GLY A 7 1.64 4.95 -18.20
N ALA A 8 0.38 5.19 -17.86
CA ALA A 8 -0.12 6.55 -17.75
C ALA A 8 0.18 7.14 -16.38
N GLU A 9 0.60 8.41 -16.36
CA GLU A 9 0.93 9.09 -15.11
C GLU A 9 -0.08 8.74 -14.02
N ASP A 10 0.42 8.48 -12.82
CA ASP A 10 -0.43 8.15 -11.68
C ASP A 10 0.33 8.27 -10.38
N ASN A 11 -0.21 9.05 -9.45
CA ASN A 11 0.43 9.26 -8.16
C ASN A 11 -0.59 9.12 -7.03
N LEU A 12 -0.26 8.31 -6.03
CA LEU A 12 -1.13 8.09 -4.89
C LEU A 12 -0.65 8.86 -3.66
N GLY A 13 0.63 8.70 -3.33
CA GLY A 13 1.19 9.39 -2.19
C GLY A 13 2.04 8.47 -1.33
N PRO A 14 2.80 9.08 -0.40
CA PRO A 14 3.68 8.33 0.50
C PRO A 14 2.90 7.53 1.54
N LEU A 15 3.40 6.35 1.88
CA LEU A 15 2.75 5.49 2.86
C LEU A 15 2.30 6.29 4.07
N PRO A 16 1.28 5.78 4.78
CA PRO A 16 0.74 6.43 5.97
C PRO A 16 1.70 6.39 7.16
N GLU A 17 1.19 6.64 8.34
CA GLU A 17 2.01 6.63 9.55
C GLU A 17 1.83 5.33 10.33
N ASN A 18 0.81 4.56 9.94
CA ASN A 18 0.53 3.28 10.60
C ASN A 18 1.03 2.12 9.76
N TRP A 19 1.98 2.39 8.87
CA TRP A 19 2.54 1.36 8.00
C TRP A 19 4.06 1.48 7.93
N GLU A 20 4.71 0.41 7.50
CA GLU A 20 6.16 0.39 7.38
C GLU A 20 6.62 -0.64 6.36
N MET A 21 7.19 -0.18 5.26
CA MET A 21 7.67 -1.07 4.21
C MET A 21 9.13 -1.46 4.45
N ALA A 22 9.37 -2.75 4.63
CA ALA A 22 10.71 -3.25 4.87
C ALA A 22 10.95 -4.56 4.14
N TYR A 23 12.21 -4.97 4.05
CA TYR A 23 12.57 -6.21 3.37
C TYR A 23 13.07 -7.25 4.37
N THR A 24 12.72 -8.51 4.13
CA THR A 24 13.14 -9.61 5.00
C THR A 24 14.60 -9.96 4.77
N GLU A 25 15.06 -10.99 5.47
CA GLU A 25 16.45 -11.43 5.36
C GLU A 25 16.78 -11.77 3.91
N ASN A 26 15.94 -12.57 3.28
CA ASN A 26 16.14 -12.98 1.90
C ASN A 26 16.23 -11.76 0.98
N GLY A 27 15.35 -10.79 1.21
CA GLY A 27 15.35 -9.58 0.40
C GLY A 27 13.98 -9.30 -0.20
N GLU A 28 12.95 -9.91 0.37
CA GLU A 28 11.59 -9.71 -0.11
C GLU A 28 10.96 -8.48 0.52
N VAL A 29 10.53 -7.54 -0.32
CA VAL A 29 9.91 -6.31 0.16
C VAL A 29 8.46 -6.55 0.59
N TYR A 30 8.15 -6.22 1.84
CA TYR A 30 6.82 -6.40 2.37
C TYR A 30 6.31 -5.13 3.03
N PHE A 31 5.01 -5.09 3.33
CA PHE A 31 4.40 -3.93 3.96
C PHE A 31 3.86 -4.28 5.34
N ILE A 32 4.33 -3.58 6.36
CA ILE A 32 3.89 -3.82 7.73
C ILE A 32 2.71 -2.93 8.08
N ASP A 33 1.59 -3.56 8.44
CA ASP A 33 0.39 -2.81 8.81
C ASP A 33 0.17 -2.86 10.32
N HIS A 34 0.53 -1.77 10.99
CA HIS A 34 0.37 -1.68 12.45
C HIS A 34 -1.10 -1.51 12.82
N ASN A 35 -1.79 -0.61 12.13
CA ASN A 35 -3.19 -0.34 12.39
C ASN A 35 -3.92 -1.64 12.74
N THR A 36 -3.47 -2.74 12.17
CA THR A 36 -4.08 -4.05 12.42
C THR A 36 -3.03 -5.08 12.81
N LYS A 37 -1.76 -4.68 12.75
CA LYS A 37 -0.67 -5.58 13.10
C LYS A 37 -0.63 -6.78 12.15
N THR A 38 -0.72 -6.51 10.85
CA THR A 38 -0.69 -7.55 9.85
C THR A 38 0.41 -7.31 8.82
N THR A 39 0.78 -8.35 8.09
CA THR A 39 1.83 -8.24 7.08
C THR A 39 1.30 -8.66 5.72
N SER A 40 1.61 -7.85 4.70
CA SER A 40 1.16 -8.13 3.34
C SER A 40 2.30 -7.91 2.33
N TRP A 41 2.18 -8.55 1.17
CA TRP A 41 3.20 -8.43 0.14
C TRP A 41 2.87 -7.27 -0.81
N LEU A 42 1.58 -7.00 -0.98
CA LEU A 42 1.15 -5.91 -1.86
C LEU A 42 1.22 -4.57 -1.14
N ASP A 43 0.96 -3.50 -1.88
CA ASP A 43 1.00 -2.15 -1.32
C ASP A 43 -0.41 -1.66 -0.99
N PRO A 44 -0.54 -0.95 0.14
CA PRO A 44 -1.83 -0.40 0.58
C PRO A 44 -2.32 0.72 -0.31
N ARG A 45 -1.42 1.66 -0.63
CA ARG A 45 -1.77 2.79 -1.47
C ARG A 45 -2.60 2.35 -2.67
N CYS A 46 -2.30 1.16 -3.18
CA CYS A 46 -3.01 0.61 -4.33
C CYS A 46 -4.48 0.38 -4.00
N LEU A 47 -4.73 -0.06 -2.77
CA LEU A 47 -6.10 -0.32 -2.33
C LEU A 47 -6.60 0.77 -1.41
N ASN A 48 -7.91 0.90 -1.30
CA ASN A 48 -8.52 1.91 -0.44
C ASN A 48 -9.33 1.27 0.68
N LYS A 49 -10.24 0.37 0.31
CA LYS A 49 -11.07 -0.32 1.29
C LYS A 49 -10.25 -1.28 2.12
N GLN A 50 -10.42 -1.22 3.44
CA GLN A 50 -9.68 -2.09 4.34
C GLN A 50 -10.64 -3.04 5.07
N GLN A 51 -11.00 -4.14 4.40
CA GLN A 51 -11.91 -5.12 4.98
C GLN A 51 -11.50 -6.53 4.59
N SER A 52 -11.13 -7.33 5.59
CA SER A 52 -10.72 -8.71 5.35
C SER A 52 -11.91 -9.58 4.96
N GLY A 53 -11.92 -10.02 3.70
CA GLY A 53 -13.00 -10.86 3.22
C GLY A 53 -12.61 -12.31 3.11
N PRO A 54 -12.05 -12.69 1.94
CA PRO A 54 -11.61 -14.06 1.68
C PRO A 54 -10.39 -14.45 2.51
N SER A 55 -9.87 -13.49 3.27
CA SER A 55 -8.69 -13.74 4.10
C SER A 55 -9.09 -14.45 5.39
N SER A 56 -10.06 -13.89 6.11
CA SER A 56 -10.52 -14.48 7.36
C SER A 56 -9.40 -14.51 8.39
N GLY A 57 -8.64 -13.42 8.46
CA GLY A 57 -7.55 -13.34 9.42
C GLY A 57 -6.94 -11.96 9.49
N GLY A 1 -9.09 26.06 -10.34
CA GLY A 1 -9.32 24.66 -10.03
C GLY A 1 -10.44 24.06 -10.86
N SER A 2 -10.30 22.78 -11.20
CA SER A 2 -11.30 22.09 -12.00
C SER A 2 -12.64 22.04 -11.28
N SER A 3 -13.72 21.93 -12.04
CA SER A 3 -15.07 21.87 -11.47
C SER A 3 -15.81 20.63 -11.95
N GLY A 4 -15.60 19.51 -11.25
CA GLY A 4 -16.26 18.27 -11.62
C GLY A 4 -15.32 17.32 -12.32
N SER A 5 -15.61 17.06 -13.60
CA SER A 5 -14.79 16.15 -14.39
C SER A 5 -13.37 16.68 -14.53
N SER A 6 -12.39 15.79 -14.40
CA SER A 6 -11.00 16.16 -14.50
C SER A 6 -10.12 14.94 -14.75
N GLY A 7 -8.92 15.17 -15.28
CA GLY A 7 -8.00 14.08 -15.56
C GLY A 7 -7.36 13.53 -14.30
N ALA A 8 -6.35 12.68 -14.48
CA ALA A 8 -5.66 12.07 -13.36
C ALA A 8 -4.27 11.56 -13.77
N GLU A 9 -3.41 11.35 -12.78
CA GLU A 9 -2.06 10.87 -13.04
C GLU A 9 -1.78 9.59 -12.28
N ASP A 10 -2.83 8.98 -11.75
CA ASP A 10 -2.70 7.74 -11.00
C ASP A 10 -1.77 7.92 -9.80
N ASN A 11 -1.95 9.03 -9.09
CA ASN A 11 -1.13 9.33 -7.92
C ASN A 11 -1.63 8.57 -6.69
N LEU A 12 -0.70 8.00 -5.93
CA LEU A 12 -1.05 7.24 -4.74
C LEU A 12 -0.63 8.00 -3.47
N GLY A 13 0.59 8.52 -3.48
CA GLY A 13 1.09 9.26 -2.35
C GLY A 13 1.96 8.41 -1.43
N PRO A 14 2.67 9.06 -0.50
CA PRO A 14 3.54 8.38 0.45
C PRO A 14 2.76 7.57 1.48
N LEU A 15 3.32 6.43 1.87
CA LEU A 15 2.67 5.57 2.86
C LEU A 15 2.25 6.36 4.08
N PRO A 16 1.26 5.83 4.83
CA PRO A 16 0.75 6.47 6.04
C PRO A 16 1.75 6.43 7.19
N GLU A 17 1.27 6.68 8.39
CA GLU A 17 2.13 6.67 9.58
C GLU A 17 1.98 5.37 10.35
N ASN A 18 0.91 4.63 10.05
CA ASN A 18 0.64 3.37 10.73
C ASN A 18 1.12 2.19 9.88
N TRP A 19 2.07 2.46 8.98
CA TRP A 19 2.61 1.42 8.11
C TRP A 19 4.13 1.54 8.02
N GLU A 20 4.78 0.43 7.66
CA GLU A 20 6.23 0.41 7.53
C GLU A 20 6.67 -0.62 6.49
N MET A 21 7.23 -0.12 5.38
CA MET A 21 7.69 -0.99 4.31
C MET A 21 9.12 -1.45 4.56
N ALA A 22 9.32 -2.76 4.68
CA ALA A 22 10.64 -3.31 4.92
C ALA A 22 10.83 -4.61 4.14
N TYR A 23 12.09 -4.99 3.93
CA TYR A 23 12.40 -6.22 3.21
C TYR A 23 12.81 -7.33 4.17
N THR A 24 12.47 -8.56 3.81
CA THR A 24 12.79 -9.72 4.64
C THR A 24 14.30 -10.00 4.63
N GLU A 25 14.72 -11.00 5.40
CA GLU A 25 16.12 -11.38 5.48
C GLU A 25 16.65 -11.76 4.10
N ASN A 26 15.82 -12.45 3.32
CA ASN A 26 16.21 -12.88 1.99
C ASN A 26 16.26 -11.69 1.02
N GLY A 27 15.31 -10.77 1.18
CA GLY A 27 15.27 -9.61 0.32
C GLY A 27 13.89 -9.38 -0.26
N GLU A 28 12.87 -9.90 0.41
CA GLU A 28 11.50 -9.75 -0.07
C GLU A 28 10.85 -8.50 0.53
N VAL A 29 10.49 -7.56 -0.35
CA VAL A 29 9.86 -6.32 0.09
C VAL A 29 8.43 -6.56 0.54
N TYR A 30 8.13 -6.17 1.78
CA TYR A 30 6.79 -6.35 2.33
C TYR A 30 6.32 -5.07 3.04
N PHE A 31 5.03 -5.03 3.36
CA PHE A 31 4.46 -3.87 4.04
C PHE A 31 3.91 -4.25 5.40
N ILE A 32 4.32 -3.51 6.42
CA ILE A 32 3.87 -3.77 7.79
C ILE A 32 2.69 -2.88 8.16
N ASP A 33 1.57 -3.49 8.51
CA ASP A 33 0.38 -2.75 8.89
C ASP A 33 0.15 -2.82 10.40
N HIS A 34 0.52 -1.75 11.08
CA HIS A 34 0.36 -1.69 12.54
C HIS A 34 -1.11 -1.52 12.92
N ASN A 35 -1.78 -0.59 12.25
CA ASN A 35 -3.19 -0.34 12.52
C ASN A 35 -3.94 -1.63 12.80
N THR A 36 -3.48 -2.72 12.19
CA THR A 36 -4.10 -4.02 12.37
C THR A 36 -3.07 -5.08 12.74
N LYS A 37 -1.80 -4.70 12.72
CA LYS A 37 -0.71 -5.60 13.06
C LYS A 37 -0.67 -6.78 12.10
N THR A 38 -0.72 -6.48 10.79
CA THR A 38 -0.68 -7.51 9.77
C THR A 38 0.47 -7.27 8.79
N THR A 39 0.78 -8.28 7.99
CA THR A 39 1.85 -8.18 7.01
C THR A 39 1.36 -8.57 5.62
N SER A 40 1.62 -7.70 4.64
CA SER A 40 1.21 -7.94 3.27
C SER A 40 2.41 -7.95 2.32
N TRP A 41 2.20 -8.46 1.12
CA TRP A 41 3.28 -8.52 0.12
C TRP A 41 3.17 -7.36 -0.85
N LEU A 42 1.95 -6.93 -1.13
CA LEU A 42 1.72 -5.81 -2.04
C LEU A 42 1.58 -4.50 -1.29
N ASP A 43 1.48 -3.40 -2.04
CA ASP A 43 1.33 -2.08 -1.44
C ASP A 43 -0.12 -1.80 -1.08
N PRO A 44 -0.33 -1.17 0.08
CA PRO A 44 -1.68 -0.83 0.58
C PRO A 44 -2.34 0.26 -0.25
N ARG A 45 -1.55 1.26 -0.62
CA ARG A 45 -2.07 2.37 -1.42
C ARG A 45 -2.84 1.86 -2.63
N CYS A 46 -2.54 0.64 -3.05
CA CYS A 46 -3.20 0.04 -4.20
C CYS A 46 -4.67 -0.24 -3.90
N LEU A 47 -4.95 -0.60 -2.65
CA LEU A 47 -6.32 -0.89 -2.23
C LEU A 47 -7.12 0.39 -2.05
N ASN A 48 -8.39 0.24 -1.69
CA ASN A 48 -9.27 1.39 -1.49
C ASN A 48 -10.07 1.25 -0.20
N LYS A 49 -9.46 1.66 0.91
CA LYS A 49 -10.10 1.57 2.22
C LYS A 49 -10.47 2.96 2.72
N GLN A 50 -11.44 3.01 3.64
CA GLN A 50 -11.89 4.28 4.20
C GLN A 50 -12.88 4.05 5.33
N GLN A 51 -13.06 5.06 6.18
CA GLN A 51 -13.99 4.97 7.30
C GLN A 51 -15.42 5.11 6.83
N SER A 52 -15.68 6.11 5.99
CA SER A 52 -17.02 6.35 5.48
C SER A 52 -17.58 5.10 4.81
N GLY A 53 -18.49 4.43 5.50
CA GLY A 53 -19.09 3.22 4.97
C GLY A 53 -20.36 3.49 4.21
N PRO A 54 -21.43 3.84 4.95
CA PRO A 54 -22.75 4.14 4.35
C PRO A 54 -22.74 5.44 3.57
N SER A 55 -22.64 5.34 2.25
CA SER A 55 -22.62 6.50 1.38
C SER A 55 -23.95 7.25 1.45
N SER A 56 -23.90 8.48 1.97
CA SER A 56 -25.10 9.30 2.10
C SER A 56 -25.12 10.40 1.05
N GLY A 57 -26.31 10.94 0.79
CA GLY A 57 -26.44 11.99 -0.21
C GLY A 57 -25.95 11.56 -1.57
N GLY A 1 -10.55 19.42 -25.72
CA GLY A 1 -10.40 18.09 -26.27
C GLY A 1 -9.70 17.15 -25.31
N SER A 2 -10.08 17.21 -24.04
CA SER A 2 -9.48 16.35 -23.02
C SER A 2 -10.52 15.91 -22.00
N SER A 3 -10.57 14.60 -21.74
CA SER A 3 -11.51 14.05 -20.79
C SER A 3 -11.25 14.58 -19.38
N GLY A 4 -11.86 15.72 -19.07
CA GLY A 4 -11.69 16.33 -17.76
C GLY A 4 -11.58 17.84 -17.83
N SER A 5 -10.87 18.41 -16.87
CA SER A 5 -10.69 19.87 -16.82
C SER A 5 -9.25 20.24 -17.13
N SER A 6 -8.68 19.59 -18.14
CA SER A 6 -7.30 19.86 -18.54
C SER A 6 -6.36 19.84 -17.34
N GLY A 7 -6.58 18.88 -16.44
CA GLY A 7 -5.75 18.77 -15.26
C GLY A 7 -6.15 17.60 -14.38
N ALA A 8 -6.11 16.40 -14.94
CA ALA A 8 -6.47 15.19 -14.20
C ALA A 8 -5.41 14.86 -13.16
N GLU A 9 -5.45 15.56 -12.03
CA GLU A 9 -4.50 15.33 -10.95
C GLU A 9 -4.68 13.95 -10.34
N ASP A 10 -3.57 13.22 -10.22
CA ASP A 10 -3.61 11.87 -9.67
C ASP A 10 -2.32 11.57 -8.91
N ASN A 11 -2.44 11.28 -7.62
CA ASN A 11 -1.29 10.97 -6.79
C ASN A 11 -1.71 10.31 -5.49
N LEU A 12 -1.17 9.11 -5.24
CA LEU A 12 -1.50 8.36 -4.03
C LEU A 12 -0.81 8.96 -2.81
N GLY A 13 0.47 9.26 -2.96
CA GLY A 13 1.23 9.84 -1.87
C GLY A 13 2.06 8.81 -1.12
N PRO A 14 2.93 9.28 -0.22
CA PRO A 14 3.79 8.41 0.58
C PRO A 14 3.01 7.61 1.62
N LEU A 15 3.42 6.36 1.83
CA LEU A 15 2.75 5.50 2.80
C LEU A 15 2.30 6.29 4.03
N PRO A 16 1.28 5.77 4.73
CA PRO A 16 0.75 6.41 5.93
C PRO A 16 1.73 6.35 7.10
N GLU A 17 1.22 6.60 8.31
CA GLU A 17 2.04 6.59 9.51
C GLU A 17 1.87 5.28 10.28
N ASN A 18 0.80 4.55 9.94
CA ASN A 18 0.52 3.27 10.60
C ASN A 18 1.03 2.11 9.74
N TRP A 19 1.99 2.38 8.87
CA TRP A 19 2.55 1.35 8.01
C TRP A 19 4.07 1.47 7.94
N GLU A 20 4.72 0.40 7.49
CA GLU A 20 6.18 0.39 7.38
C GLU A 20 6.64 -0.63 6.35
N MET A 21 7.21 -0.14 5.25
CA MET A 21 7.69 -1.01 4.19
C MET A 21 9.14 -1.43 4.44
N ALA A 22 9.36 -2.73 4.57
CA ALA A 22 10.70 -3.25 4.81
C ALA A 22 10.91 -4.58 4.07
N TYR A 23 12.17 -4.94 3.87
CA TYR A 23 12.51 -6.18 3.19
C TYR A 23 12.99 -7.24 4.17
N THR A 24 12.56 -8.48 3.96
CA THR A 24 12.94 -9.58 4.83
C THR A 24 14.39 -9.99 4.60
N GLU A 25 14.98 -10.65 5.59
CA GLU A 25 16.36 -11.11 5.48
C GLU A 25 16.68 -11.59 4.07
N ASN A 26 15.85 -12.51 3.57
CA ASN A 26 16.03 -13.05 2.23
C ASN A 26 16.16 -11.94 1.20
N GLY A 27 15.37 -10.88 1.39
CA GLY A 27 15.41 -9.76 0.46
C GLY A 27 14.08 -9.53 -0.22
N GLU A 28 13.00 -9.88 0.46
CA GLU A 28 11.66 -9.71 -0.09
C GLU A 28 10.98 -8.47 0.49
N VAL A 29 10.56 -7.57 -0.39
CA VAL A 29 9.90 -6.34 0.03
C VAL A 29 8.48 -6.62 0.52
N TYR A 30 8.20 -6.21 1.76
CA TYR A 30 6.88 -6.42 2.35
C TYR A 30 6.36 -5.14 2.99
N PHE A 31 5.08 -5.15 3.36
CA PHE A 31 4.46 -3.99 3.99
C PHE A 31 3.92 -4.34 5.37
N ILE A 32 4.35 -3.59 6.38
CA ILE A 32 3.91 -3.83 7.75
C ILE A 32 2.73 -2.94 8.10
N ASP A 33 1.61 -3.56 8.46
CA ASP A 33 0.40 -2.82 8.82
C ASP A 33 0.18 -2.86 10.34
N HIS A 34 0.53 -1.77 11.00
CA HIS A 34 0.38 -1.68 12.45
C HIS A 34 -1.09 -1.53 12.83
N ASN A 35 -1.78 -0.61 12.17
CA ASN A 35 -3.19 -0.37 12.43
C ASN A 35 -3.91 -1.68 12.73
N THR A 36 -3.45 -2.76 12.13
CA THR A 36 -4.05 -4.08 12.33
C THR A 36 -3.00 -5.10 12.74
N LYS A 37 -1.74 -4.72 12.68
CA LYS A 37 -0.63 -5.60 13.05
C LYS A 37 -0.57 -6.79 12.11
N THR A 38 -0.71 -6.54 10.82
CA THR A 38 -0.65 -7.59 9.81
C THR A 38 0.41 -7.31 8.75
N THR A 39 0.87 -8.35 8.08
CA THR A 39 1.89 -8.21 7.05
C THR A 39 1.34 -8.64 5.68
N SER A 40 1.68 -7.86 4.66
CA SER A 40 1.23 -8.15 3.30
C SER A 40 2.35 -7.94 2.29
N TRP A 41 2.18 -8.53 1.11
CA TRP A 41 3.19 -8.40 0.06
C TRP A 41 2.87 -7.23 -0.86
N LEU A 42 1.59 -6.93 -1.02
CA LEU A 42 1.15 -5.83 -1.87
C LEU A 42 1.17 -4.51 -1.11
N ASP A 43 0.99 -3.41 -1.84
CA ASP A 43 0.99 -2.09 -1.23
C ASP A 43 -0.43 -1.64 -0.88
N PRO A 44 -0.58 -0.94 0.25
CA PRO A 44 -1.88 -0.44 0.71
C PRO A 44 -2.43 0.67 -0.17
N ARG A 45 -1.56 1.59 -0.56
CA ARG A 45 -1.96 2.72 -1.41
C ARG A 45 -2.75 2.22 -2.60
N CYS A 46 -2.47 1.00 -3.03
CA CYS A 46 -3.16 0.42 -4.19
C CYS A 46 -4.62 0.11 -3.84
N LEU A 47 -4.86 -0.28 -2.59
CA LEU A 47 -6.20 -0.61 -2.14
C LEU A 47 -6.99 0.65 -1.78
N ASN A 48 -8.29 0.50 -1.58
CA ASN A 48 -9.15 1.62 -1.22
C ASN A 48 -9.39 1.67 0.29
N LYS A 49 -9.44 2.88 0.83
CA LYS A 49 -9.68 3.07 2.25
C LYS A 49 -11.11 3.51 2.52
N GLN A 50 -11.74 4.11 1.51
CA GLN A 50 -13.12 4.57 1.64
C GLN A 50 -13.76 4.72 0.27
N GLN A 51 -14.98 4.20 0.14
CA GLN A 51 -15.71 4.27 -1.12
C GLN A 51 -17.18 4.61 -0.88
N SER A 52 -17.77 5.38 -1.78
CA SER A 52 -19.16 5.78 -1.66
C SER A 52 -20.03 4.58 -1.29
N GLY A 53 -20.46 4.54 -0.02
CA GLY A 53 -21.29 3.45 0.45
C GLY A 53 -21.61 3.55 1.93
N PRO A 54 -21.98 2.42 2.54
CA PRO A 54 -22.32 2.36 3.96
C PRO A 54 -21.10 2.55 4.86
N SER A 55 -20.87 3.80 5.28
CA SER A 55 -19.73 4.11 6.13
C SER A 55 -20.18 4.29 7.58
N SER A 56 -19.63 3.46 8.47
CA SER A 56 -19.97 3.51 9.88
C SER A 56 -19.33 4.71 10.55
N GLY A 57 -18.02 4.85 10.36
CA GLY A 57 -17.29 5.96 10.96
C GLY A 57 -17.40 5.98 12.46
N GLY A 1 -18.35 11.10 -11.95
CA GLY A 1 -18.66 10.20 -13.05
C GLY A 1 -17.63 9.09 -13.20
N SER A 2 -17.54 8.24 -12.18
CA SER A 2 -16.59 7.13 -12.20
C SER A 2 -16.95 6.13 -13.31
N SER A 3 -15.98 5.84 -14.17
CA SER A 3 -16.19 4.91 -15.27
C SER A 3 -14.86 4.58 -15.96
N GLY A 4 -14.81 3.41 -16.59
CA GLY A 4 -13.60 2.99 -17.27
C GLY A 4 -12.71 2.13 -16.40
N SER A 5 -11.41 2.12 -16.72
CA SER A 5 -10.45 1.34 -15.96
C SER A 5 -9.36 2.22 -15.38
N SER A 6 -9.42 2.43 -14.07
CA SER A 6 -8.44 3.27 -13.38
C SER A 6 -7.15 2.49 -13.12
N GLY A 7 -6.08 2.89 -13.80
CA GLY A 7 -4.80 2.23 -13.63
C GLY A 7 -3.79 3.08 -12.91
N ALA A 8 -2.55 3.08 -13.39
CA ALA A 8 -1.49 3.87 -12.79
C ALA A 8 -1.14 5.07 -13.65
N GLU A 9 -1.88 6.16 -13.47
CA GLU A 9 -1.65 7.38 -14.24
C GLU A 9 -1.28 8.54 -13.31
N ASP A 10 -0.97 8.21 -12.07
CA ASP A 10 -0.59 9.23 -11.09
C ASP A 10 0.07 8.59 -9.87
N ASN A 11 1.32 8.98 -9.61
CA ASN A 11 2.06 8.44 -8.48
C ASN A 11 1.33 8.71 -7.17
N LEU A 12 0.90 7.64 -6.51
CA LEU A 12 0.19 7.75 -5.25
C LEU A 12 1.02 8.52 -4.22
N GLY A 13 0.42 8.79 -3.07
CA GLY A 13 1.11 9.52 -2.02
C GLY A 13 1.99 8.61 -1.17
N PRO A 14 2.79 9.22 -0.28
CA PRO A 14 3.69 8.47 0.61
C PRO A 14 2.94 7.68 1.67
N LEU A 15 3.38 6.45 1.89
CA LEU A 15 2.74 5.58 2.88
C LEU A 15 2.35 6.38 4.12
N PRO A 16 1.34 5.86 4.84
CA PRO A 16 0.84 6.51 6.06
C PRO A 16 1.84 6.43 7.21
N GLU A 17 1.37 6.71 8.42
CA GLU A 17 2.22 6.67 9.61
C GLU A 17 2.03 5.35 10.36
N ASN A 18 0.94 4.66 10.06
CA ASN A 18 0.65 3.39 10.72
C ASN A 18 1.12 2.21 9.85
N TRP A 19 2.07 2.48 8.97
CA TRP A 19 2.61 1.45 8.08
C TRP A 19 4.13 1.55 7.99
N GLU A 20 4.77 0.44 7.64
CA GLU A 20 6.21 0.41 7.52
C GLU A 20 6.64 -0.62 6.47
N MET A 21 7.25 -0.13 5.39
CA MET A 21 7.70 -1.00 4.31
C MET A 21 9.14 -1.45 4.55
N ALA A 22 9.33 -2.76 4.71
CA ALA A 22 10.66 -3.32 4.95
C ALA A 22 10.86 -4.61 4.17
N TYR A 23 12.11 -4.98 3.96
CA TYR A 23 12.44 -6.21 3.23
C TYR A 23 12.88 -7.31 4.18
N THR A 24 12.55 -8.55 3.84
CA THR A 24 12.91 -9.69 4.66
C THR A 24 14.40 -10.01 4.53
N GLU A 25 14.88 -10.92 5.38
CA GLU A 25 16.29 -11.31 5.36
C GLU A 25 16.75 -11.61 3.95
N ASN A 26 15.97 -12.44 3.25
CA ASN A 26 16.31 -12.81 1.87
C ASN A 26 16.31 -11.58 0.96
N GLY A 27 15.36 -10.68 1.18
CA GLY A 27 15.27 -9.47 0.38
C GLY A 27 13.89 -9.25 -0.17
N GLU A 28 12.90 -9.90 0.43
CA GLU A 28 11.51 -9.76 -0.01
C GLU A 28 10.88 -8.50 0.59
N VAL A 29 10.47 -7.58 -0.29
CA VAL A 29 9.86 -6.34 0.14
C VAL A 29 8.41 -6.57 0.59
N TYR A 30 8.13 -6.25 1.85
CA TYR A 30 6.79 -6.42 2.38
C TYR A 30 6.30 -5.15 3.06
N PHE A 31 5.01 -5.09 3.35
CA PHE A 31 4.41 -3.92 4.00
C PHE A 31 3.86 -4.28 5.37
N ILE A 32 4.32 -3.57 6.39
CA ILE A 32 3.87 -3.81 7.76
C ILE A 32 2.71 -2.90 8.12
N ASP A 33 1.58 -3.51 8.46
CA ASP A 33 0.38 -2.75 8.83
C ASP A 33 0.15 -2.81 10.34
N HIS A 34 0.53 -1.75 11.03
CA HIS A 34 0.36 -1.67 12.48
C HIS A 34 -1.11 -1.49 12.84
N ASN A 35 -1.78 -0.56 12.17
CA ASN A 35 -3.18 -0.29 12.44
C ASN A 35 -3.94 -1.58 12.71
N THR A 36 -3.48 -2.67 12.10
CA THR A 36 -4.12 -3.97 12.28
C THR A 36 -3.10 -5.04 12.65
N LYS A 37 -1.82 -4.65 12.67
CA LYS A 37 -0.75 -5.57 13.02
C LYS A 37 -0.72 -6.75 12.06
N THR A 38 -0.82 -6.46 10.76
CA THR A 38 -0.81 -7.49 9.74
C THR A 38 0.29 -7.24 8.71
N THR A 39 0.72 -8.29 8.03
CA THR A 39 1.76 -8.18 7.01
C THR A 39 1.24 -8.58 5.64
N SER A 40 1.57 -7.78 4.63
CA SER A 40 1.12 -8.05 3.27
C SER A 40 2.31 -8.01 2.30
N TRP A 41 2.15 -8.65 1.14
CA TRP A 41 3.20 -8.68 0.13
C TRP A 41 3.06 -7.51 -0.83
N LEU A 42 1.83 -7.06 -1.04
CA LEU A 42 1.57 -5.94 -1.93
C LEU A 42 1.43 -4.64 -1.15
N ASP A 43 1.36 -3.53 -1.88
CA ASP A 43 1.23 -2.21 -1.26
C ASP A 43 -0.23 -1.89 -0.99
N PRO A 44 -0.48 -1.20 0.14
CA PRO A 44 -1.84 -0.80 0.54
C PRO A 44 -2.42 0.28 -0.36
N ARG A 45 -1.62 1.29 -0.65
CA ARG A 45 -2.06 2.39 -1.50
C ARG A 45 -2.80 1.87 -2.73
N CYS A 46 -2.42 0.68 -3.18
CA CYS A 46 -3.04 0.06 -4.34
C CYS A 46 -4.55 -0.05 -4.15
N LEU A 47 -4.96 -0.42 -2.95
CA LEU A 47 -6.38 -0.56 -2.64
C LEU A 47 -7.19 0.60 -3.20
N ASN A 48 -8.44 0.34 -3.54
CA ASN A 48 -9.32 1.37 -4.09
C ASN A 48 -9.96 2.20 -2.97
N LYS A 49 -9.14 2.58 -1.99
CA LYS A 49 -9.62 3.38 -0.87
C LYS A 49 -8.82 4.67 -0.74
N GLN A 50 -9.28 5.57 0.13
CA GLN A 50 -8.62 6.85 0.35
C GLN A 50 -7.97 6.90 1.72
N GLN A 51 -8.72 6.47 2.74
CA GLN A 51 -8.22 6.48 4.11
C GLN A 51 -9.15 5.69 5.02
N SER A 52 -8.56 4.81 5.83
CA SER A 52 -9.33 3.99 6.76
C SER A 52 -10.48 4.79 7.36
N GLY A 53 -10.15 5.90 7.98
CA GLY A 53 -11.17 6.75 8.60
C GLY A 53 -11.53 6.29 10.00
N PRO A 54 -12.72 6.69 10.46
CA PRO A 54 -13.22 6.32 11.79
C PRO A 54 -13.56 4.84 11.89
N SER A 55 -13.32 4.11 10.82
CA SER A 55 -13.60 2.67 10.78
C SER A 55 -13.35 2.04 12.15
N SER A 56 -14.32 1.24 12.61
CA SER A 56 -14.22 0.58 13.90
C SER A 56 -14.23 -0.94 13.75
N GLY A 57 -13.37 -1.61 14.49
CA GLY A 57 -13.31 -3.06 14.41
C GLY A 57 -13.55 -3.72 15.76
N GLY A 1 14.04 2.80 -10.28
CA GLY A 1 12.60 2.96 -10.20
C GLY A 1 12.01 3.54 -11.47
N SER A 2 11.11 2.79 -12.11
CA SER A 2 10.48 3.24 -13.33
C SER A 2 9.03 3.66 -13.08
N SER A 3 8.83 4.94 -12.79
CA SER A 3 7.50 5.47 -12.51
C SER A 3 7.37 6.89 -13.06
N GLY A 4 6.13 7.37 -13.14
CA GLY A 4 5.88 8.71 -13.64
C GLY A 4 4.46 8.89 -14.15
N SER A 5 3.68 9.69 -13.43
CA SER A 5 2.29 9.93 -13.82
C SER A 5 2.19 11.15 -14.72
N SER A 6 2.19 10.89 -16.03
CA SER A 6 2.11 11.97 -17.01
C SER A 6 0.72 12.01 -17.66
N GLY A 7 0.08 13.18 -17.61
CA GLY A 7 -1.24 13.32 -18.18
C GLY A 7 -2.34 12.93 -17.22
N ALA A 8 -2.14 11.82 -16.50
CA ALA A 8 -3.12 11.35 -15.54
C ALA A 8 -2.79 11.82 -14.13
N GLU A 9 -3.80 12.33 -13.44
CA GLU A 9 -3.62 12.83 -12.08
C GLU A 9 -3.69 11.69 -11.07
N ASP A 10 -3.08 10.56 -11.41
CA ASP A 10 -3.06 9.39 -10.54
C ASP A 10 -1.98 9.53 -9.47
N ASN A 11 -2.33 10.14 -8.34
CA ASN A 11 -1.39 10.32 -7.25
C ASN A 11 -1.92 9.70 -5.97
N LEU A 12 -1.32 8.59 -5.56
CA LEU A 12 -1.73 7.89 -4.34
C LEU A 12 -1.19 8.60 -3.10
N GLY A 13 0.10 8.91 -3.12
CA GLY A 13 0.71 9.59 -2.00
C GLY A 13 1.62 8.68 -1.19
N PRO A 14 2.43 9.28 -0.31
CA PRO A 14 3.37 8.53 0.53
C PRO A 14 2.66 7.69 1.60
N LEU A 15 3.18 6.50 1.86
CA LEU A 15 2.59 5.61 2.85
C LEU A 15 2.18 6.38 4.10
N PRO A 16 1.20 5.84 4.83
CA PRO A 16 0.68 6.46 6.06
C PRO A 16 1.70 6.40 7.20
N GLU A 17 1.23 6.68 8.41
CA GLU A 17 2.09 6.66 9.58
C GLU A 17 1.94 5.36 10.35
N ASN A 18 0.89 4.61 10.04
CA ASN A 18 0.63 3.33 10.70
C ASN A 18 1.10 2.17 9.84
N TRP A 19 2.04 2.45 8.94
CA TRP A 19 2.59 1.43 8.05
C TRP A 19 4.10 1.54 7.95
N GLU A 20 4.74 0.45 7.55
CA GLU A 20 6.19 0.44 7.41
C GLU A 20 6.63 -0.60 6.37
N MET A 21 7.25 -0.13 5.29
CA MET A 21 7.71 -1.01 4.24
C MET A 21 9.15 -1.46 4.49
N ALA A 22 9.33 -2.77 4.63
CA ALA A 22 10.65 -3.34 4.88
C ALA A 22 10.84 -4.64 4.12
N TYR A 23 12.10 -5.03 3.95
CA TYR A 23 12.42 -6.26 3.23
C TYR A 23 12.86 -7.36 4.20
N THR A 24 12.46 -8.59 3.91
CA THR A 24 12.81 -9.73 4.76
C THR A 24 14.27 -10.11 4.58
N GLU A 25 14.84 -10.73 5.61
CA GLU A 25 16.24 -11.15 5.57
C GLU A 25 16.63 -11.62 4.17
N ASN A 26 15.82 -12.51 3.61
CA ASN A 26 16.08 -13.04 2.27
C ASN A 26 16.24 -11.92 1.26
N GLY A 27 15.39 -10.90 1.38
CA GLY A 27 15.45 -9.78 0.46
C GLY A 27 14.13 -9.52 -0.24
N GLU A 28 13.04 -9.94 0.41
CA GLU A 28 11.70 -9.75 -0.16
C GLU A 28 11.03 -8.52 0.44
N VAL A 29 10.61 -7.59 -0.42
CA VAL A 29 9.95 -6.38 0.04
C VAL A 29 8.54 -6.67 0.51
N TYR A 30 8.17 -6.12 1.67
CA TYR A 30 6.85 -6.32 2.24
C TYR A 30 6.35 -5.05 2.93
N PHE A 31 5.08 -5.05 3.30
CA PHE A 31 4.48 -3.90 3.97
C PHE A 31 3.95 -4.29 5.35
N ILE A 32 4.33 -3.50 6.36
CA ILE A 32 3.90 -3.76 7.72
C ILE A 32 2.72 -2.86 8.12
N ASP A 33 1.61 -3.49 8.47
CA ASP A 33 0.41 -2.75 8.86
C ASP A 33 0.20 -2.82 10.37
N HIS A 34 0.58 -1.76 11.07
CA HIS A 34 0.44 -1.70 12.52
C HIS A 34 -1.03 -1.55 12.91
N ASN A 35 -1.73 -0.63 12.25
CA ASN A 35 -3.14 -0.40 12.53
C ASN A 35 -3.86 -1.71 12.81
N THR A 36 -3.40 -2.79 12.21
CA THR A 36 -3.99 -4.10 12.40
C THR A 36 -2.94 -5.15 12.71
N LYS A 37 -1.68 -4.72 12.81
CA LYS A 37 -0.58 -5.62 13.11
C LYS A 37 -0.55 -6.79 12.13
N THR A 38 -0.64 -6.49 10.84
CA THR A 38 -0.63 -7.51 9.81
C THR A 38 0.48 -7.25 8.78
N THR A 39 0.77 -8.26 7.97
CA THR A 39 1.80 -8.14 6.95
C THR A 39 1.28 -8.55 5.57
N SER A 40 1.48 -7.69 4.59
CA SER A 40 1.02 -7.97 3.22
C SER A 40 2.19 -8.00 2.25
N TRP A 41 1.95 -8.55 1.06
CA TRP A 41 2.99 -8.65 0.05
C TRP A 41 2.90 -7.48 -0.93
N LEU A 42 1.68 -6.99 -1.15
CA LEU A 42 1.46 -5.88 -2.06
C LEU A 42 1.45 -4.55 -1.31
N ASP A 43 1.28 -3.45 -2.05
CA ASP A 43 1.24 -2.13 -1.45
C ASP A 43 -0.19 -1.75 -1.05
N PRO A 44 -0.32 -1.05 0.09
CA PRO A 44 -1.63 -0.62 0.59
C PRO A 44 -2.24 0.48 -0.26
N ARG A 45 -1.45 1.51 -0.56
CA ARG A 45 -1.91 2.62 -1.37
C ARG A 45 -2.76 2.13 -2.55
N CYS A 46 -2.51 0.89 -2.95
CA CYS A 46 -3.24 0.30 -4.07
C CYS A 46 -4.74 0.45 -3.88
N LEU A 47 -5.21 0.24 -2.66
CA LEU A 47 -6.63 0.37 -2.34
C LEU A 47 -7.03 1.83 -2.16
N ASN A 48 -8.31 2.12 -2.37
CA ASN A 48 -8.81 3.47 -2.23
C ASN A 48 -9.80 3.56 -1.07
N LYS A 49 -9.33 4.05 0.07
CA LYS A 49 -10.17 4.19 1.26
C LYS A 49 -11.21 3.07 1.33
N GLN A 50 -10.77 1.85 1.00
CA GLN A 50 -11.66 0.70 1.03
C GLN A 50 -11.56 -0.03 2.36
N GLN A 51 -12.68 -0.05 3.10
CA GLN A 51 -12.71 -0.72 4.40
C GLN A 51 -12.25 -2.16 4.29
N SER A 52 -12.64 -2.83 3.21
CA SER A 52 -12.27 -4.22 2.99
C SER A 52 -11.14 -4.31 1.96
N GLY A 53 -9.95 -4.68 2.42
CA GLY A 53 -8.81 -4.81 1.53
C GLY A 53 -9.03 -5.87 0.47
N PRO A 54 -8.23 -5.81 -0.60
CA PRO A 54 -8.32 -6.77 -1.71
C PRO A 54 -7.83 -8.16 -1.31
N SER A 55 -7.38 -8.29 -0.07
CA SER A 55 -6.89 -9.57 0.44
C SER A 55 -7.95 -10.65 0.29
N SER A 56 -7.56 -11.90 0.54
CA SER A 56 -8.48 -13.03 0.44
C SER A 56 -9.63 -12.89 1.43
N GLY A 57 -10.86 -12.94 0.91
CA GLY A 57 -12.03 -12.81 1.76
C GLY A 57 -12.98 -13.97 1.59
N GLY A 1 -7.36 1.78 -20.92
CA GLY A 1 -6.18 0.93 -20.96
C GLY A 1 -5.00 1.63 -21.61
N SER A 2 -4.80 2.90 -21.27
CA SER A 2 -3.70 3.68 -21.82
C SER A 2 -2.44 2.83 -21.95
N SER A 3 -1.74 2.98 -23.06
CA SER A 3 -0.51 2.22 -23.31
C SER A 3 0.21 2.76 -24.54
N GLY A 4 1.54 2.62 -24.54
CA GLY A 4 2.33 3.09 -25.66
C GLY A 4 2.61 4.57 -25.58
N SER A 5 3.67 4.95 -24.85
CA SER A 5 4.03 6.35 -24.70
C SER A 5 2.80 7.21 -24.39
N SER A 6 1.95 6.70 -23.51
CA SER A 6 0.73 7.42 -23.14
C SER A 6 1.06 8.79 -22.56
N GLY A 7 1.80 8.79 -21.45
CA GLY A 7 2.18 10.03 -20.81
C GLY A 7 1.73 10.09 -19.36
N ALA A 8 0.51 9.65 -19.09
CA ALA A 8 -0.03 9.65 -17.75
C ALA A 8 0.90 8.92 -16.77
N GLU A 9 1.09 9.50 -15.60
CA GLU A 9 1.95 8.91 -14.58
C GLU A 9 1.14 8.30 -13.45
N ASP A 10 1.72 7.33 -12.75
CA ASP A 10 1.04 6.67 -11.65
C ASP A 10 1.63 7.12 -10.31
N ASN A 11 0.96 8.05 -9.65
CA ASN A 11 1.42 8.56 -8.36
C ASN A 11 0.30 8.51 -7.33
N LEU A 12 0.48 7.69 -6.29
CA LEU A 12 -0.52 7.57 -5.24
C LEU A 12 -0.18 8.47 -4.06
N GLY A 13 0.98 8.24 -3.46
CA GLY A 13 1.40 9.05 -2.32
C GLY A 13 2.25 8.27 -1.35
N PRO A 14 2.90 8.98 -0.42
CA PRO A 14 3.76 8.37 0.61
C PRO A 14 2.97 7.57 1.63
N LEU A 15 3.48 6.40 1.99
CA LEU A 15 2.83 5.53 2.96
C LEU A 15 2.37 6.33 4.18
N PRO A 16 1.36 5.82 4.88
CA PRO A 16 0.83 6.46 6.08
C PRO A 16 1.80 6.40 7.26
N GLU A 17 1.28 6.67 8.46
CA GLU A 17 2.11 6.64 9.66
C GLU A 17 1.94 5.33 10.42
N ASN A 18 0.89 4.59 10.07
CA ASN A 18 0.61 3.31 10.71
C ASN A 18 1.11 2.15 9.85
N TRP A 19 2.05 2.44 8.96
CA TRP A 19 2.61 1.42 8.08
C TRP A 19 4.13 1.54 8.00
N GLU A 20 4.79 0.46 7.60
CA GLU A 20 6.24 0.45 7.49
C GLU A 20 6.70 -0.57 6.44
N MET A 21 7.29 -0.08 5.37
CA MET A 21 7.77 -0.95 4.30
C MET A 21 9.21 -1.39 4.56
N ALA A 22 9.40 -2.70 4.68
CA ALA A 22 10.73 -3.25 4.93
C ALA A 22 10.93 -4.57 4.17
N TYR A 23 12.19 -4.94 3.98
CA TYR A 23 12.52 -6.17 3.27
C TYR A 23 12.96 -7.27 4.24
N THR A 24 12.55 -8.49 3.97
CA THR A 24 12.91 -9.63 4.81
C THR A 24 14.35 -10.05 4.58
N GLU A 25 14.92 -10.77 5.55
CA GLU A 25 16.29 -11.24 5.44
C GLU A 25 16.62 -11.68 4.01
N ASN A 26 15.77 -12.55 3.46
CA ASN A 26 15.97 -13.04 2.11
C ASN A 26 16.11 -11.89 1.12
N GLY A 27 15.33 -10.83 1.33
CA GLY A 27 15.37 -9.68 0.45
C GLY A 27 14.04 -9.41 -0.23
N GLU A 28 12.96 -9.80 0.43
CA GLU A 28 11.63 -9.60 -0.12
C GLU A 28 10.96 -8.37 0.49
N VAL A 29 10.56 -7.44 -0.37
CA VAL A 29 9.91 -6.21 0.08
C VAL A 29 8.47 -6.48 0.53
N TYR A 30 8.17 -6.11 1.76
CA TYR A 30 6.83 -6.31 2.32
C TYR A 30 6.32 -5.03 2.99
N PHE A 31 5.03 -5.02 3.30
CA PHE A 31 4.42 -3.87 3.95
C PHE A 31 3.86 -4.25 5.33
N ILE A 32 4.33 -3.53 6.35
CA ILE A 32 3.89 -3.78 7.71
C ILE A 32 2.71 -2.89 8.09
N ASP A 33 1.59 -3.50 8.45
CA ASP A 33 0.40 -2.77 8.82
C ASP A 33 0.18 -2.82 10.33
N HIS A 34 0.55 -1.75 11.03
CA HIS A 34 0.40 -1.69 12.48
C HIS A 34 -1.07 -1.53 12.85
N ASN A 35 -1.76 -0.59 12.21
CA ASN A 35 -3.16 -0.33 12.49
C ASN A 35 -3.90 -1.63 12.79
N THR A 36 -3.44 -2.71 12.18
CA THR A 36 -4.06 -4.02 12.37
C THR A 36 -3.02 -5.07 12.75
N LYS A 37 -1.75 -4.68 12.72
CA LYS A 37 -0.65 -5.58 13.06
C LYS A 37 -0.61 -6.76 12.09
N THR A 38 -0.72 -6.48 10.80
CA THR A 38 -0.70 -7.51 9.78
C THR A 38 0.42 -7.26 8.77
N THR A 39 0.76 -8.29 8.00
CA THR A 39 1.81 -8.19 6.99
C THR A 39 1.30 -8.62 5.63
N SER A 40 1.59 -7.81 4.61
CA SER A 40 1.16 -8.11 3.25
C SER A 40 2.34 -8.02 2.28
N TRP A 41 2.16 -8.58 1.08
CA TRP A 41 3.20 -8.55 0.07
C TRP A 41 2.98 -7.40 -0.90
N LEU A 42 1.71 -7.03 -1.11
CA LEU A 42 1.37 -5.95 -2.01
C LEU A 42 1.31 -4.61 -1.28
N ASP A 43 1.09 -3.53 -2.02
CA ASP A 43 1.01 -2.21 -1.43
C ASP A 43 -0.44 -1.84 -1.10
N PRO A 44 -0.65 -1.18 0.05
CA PRO A 44 -1.97 -0.76 0.49
C PRO A 44 -2.54 0.36 -0.37
N ARG A 45 -1.70 1.31 -0.73
CA ARG A 45 -2.12 2.45 -1.56
C ARG A 45 -2.89 1.96 -2.78
N CYS A 46 -2.63 0.73 -3.19
CA CYS A 46 -3.30 0.14 -4.35
C CYS A 46 -4.80 0.01 -4.11
N LEU A 47 -5.17 -0.29 -2.86
CA LEU A 47 -6.57 -0.45 -2.50
C LEU A 47 -7.24 0.91 -2.31
N ASN A 48 -6.76 1.67 -1.34
CA ASN A 48 -7.31 2.99 -1.06
C ASN A 48 -6.70 4.04 -1.99
N LYS A 49 -7.36 4.26 -3.13
CA LYS A 49 -6.88 5.24 -4.11
C LYS A 49 -7.07 6.66 -3.58
N GLN A 50 -8.00 6.82 -2.65
CA GLN A 50 -8.27 8.14 -2.06
C GLN A 50 -7.26 8.46 -0.97
N GLN A 51 -6.58 9.60 -1.11
CA GLN A 51 -5.60 10.02 -0.13
C GLN A 51 -6.26 10.64 1.09
N SER A 52 -6.22 9.91 2.20
CA SER A 52 -6.82 10.38 3.45
C SER A 52 -6.06 11.58 4.00
N GLY A 53 -4.74 11.43 4.10
CA GLY A 53 -3.91 12.51 4.63
C GLY A 53 -3.49 13.49 3.55
N PRO A 54 -3.26 14.75 3.95
CA PRO A 54 -2.85 15.81 3.02
C PRO A 54 -1.43 15.61 2.50
N SER A 55 -1.28 15.67 1.18
CA SER A 55 0.03 15.48 0.55
C SER A 55 0.68 16.84 0.24
N SER A 56 0.57 17.76 1.19
CA SER A 56 1.15 19.09 1.02
C SER A 56 2.66 19.02 0.85
N GLY A 57 3.15 19.55 -0.26
CA GLY A 57 4.58 19.54 -0.52
C GLY A 57 5.36 20.41 0.44
N GLY A 1 8.53 -0.61 -14.53
CA GLY A 1 7.16 -0.10 -14.51
C GLY A 1 6.15 -1.15 -14.07
N SER A 2 5.16 -1.38 -14.91
CA SER A 2 4.12 -2.36 -14.59
C SER A 2 4.71 -3.76 -14.52
N SER A 3 4.10 -4.60 -13.67
CA SER A 3 4.57 -5.98 -13.51
C SER A 3 3.50 -6.98 -13.96
N GLY A 4 2.34 -6.91 -13.31
CA GLY A 4 1.26 -7.81 -13.66
C GLY A 4 0.20 -7.14 -14.53
N SER A 5 -0.56 -6.23 -13.93
CA SER A 5 -1.60 -5.52 -14.66
C SER A 5 -1.11 -4.16 -15.14
N SER A 6 -1.92 -3.51 -15.97
CA SER A 6 -1.57 -2.19 -16.50
C SER A 6 -2.82 -1.39 -16.84
N GLY A 7 -2.80 -0.11 -16.51
CA GLY A 7 -3.94 0.75 -16.77
C GLY A 7 -3.79 2.12 -16.17
N ALA A 8 -4.75 2.52 -15.35
CA ALA A 8 -4.72 3.83 -14.70
C ALA A 8 -3.33 4.14 -14.16
N GLU A 9 -2.78 5.28 -14.60
CA GLU A 9 -1.45 5.68 -14.17
C GLU A 9 -1.51 7.03 -13.44
N ASP A 10 -1.10 7.02 -12.17
CA ASP A 10 -1.11 8.23 -11.36
C ASP A 10 -0.46 7.98 -10.01
N ASN A 11 0.36 8.92 -9.56
CA ASN A 11 1.04 8.80 -8.28
C ASN A 11 0.04 8.59 -7.14
N LEU A 12 0.34 7.63 -6.27
CA LEU A 12 -0.53 7.33 -5.15
C LEU A 12 -0.20 8.22 -3.95
N GLY A 13 1.05 8.17 -3.52
CA GLY A 13 1.47 8.98 -2.39
C GLY A 13 2.31 8.20 -1.40
N PRO A 14 2.97 8.92 -0.47
CA PRO A 14 3.82 8.30 0.55
C PRO A 14 3.02 7.51 1.58
N LEU A 15 3.53 6.34 1.94
CA LEU A 15 2.86 5.48 2.92
C LEU A 15 2.42 6.29 4.13
N PRO A 16 1.40 5.78 4.84
CA PRO A 16 0.87 6.44 6.04
C PRO A 16 1.84 6.37 7.21
N GLU A 17 1.35 6.69 8.41
CA GLU A 17 2.16 6.67 9.61
C GLU A 17 1.98 5.36 10.37
N ASN A 18 0.94 4.62 10.03
CA ASN A 18 0.65 3.35 10.68
C ASN A 18 1.12 2.18 9.83
N TRP A 19 2.08 2.45 8.94
CA TRP A 19 2.64 1.42 8.07
C TRP A 19 4.15 1.53 7.98
N GLU A 20 4.80 0.41 7.65
CA GLU A 20 6.25 0.39 7.54
C GLU A 20 6.69 -0.63 6.49
N MET A 21 7.27 -0.12 5.40
CA MET A 21 7.75 -0.98 4.32
C MET A 21 9.19 -1.43 4.58
N ALA A 22 9.38 -2.73 4.74
CA ALA A 22 10.70 -3.30 4.98
C ALA A 22 10.90 -4.59 4.20
N TYR A 23 12.16 -4.95 3.98
CA TYR A 23 12.48 -6.17 3.25
C TYR A 23 12.96 -7.27 4.21
N THR A 24 12.63 -8.51 3.87
CA THR A 24 13.02 -9.65 4.69
C THR A 24 14.49 -10.00 4.50
N GLU A 25 15.08 -10.65 5.50
CA GLU A 25 16.48 -11.04 5.44
C GLU A 25 16.84 -11.56 4.05
N ASN A 26 15.92 -12.30 3.44
CA ASN A 26 16.14 -12.86 2.11
C ASN A 26 16.19 -11.76 1.06
N GLY A 27 15.36 -10.74 1.24
CA GLY A 27 15.34 -9.63 0.30
C GLY A 27 13.96 -9.41 -0.30
N GLU A 28 12.93 -9.86 0.41
CA GLU A 28 11.56 -9.71 -0.06
C GLU A 28 10.91 -8.46 0.54
N VAL A 29 10.51 -7.55 -0.33
CA VAL A 29 9.89 -6.30 0.11
C VAL A 29 8.44 -6.55 0.56
N TYR A 30 8.15 -6.22 1.81
CA TYR A 30 6.82 -6.39 2.35
C TYR A 30 6.33 -5.11 3.03
N PHE A 31 5.03 -5.08 3.34
CA PHE A 31 4.43 -3.92 3.99
C PHE A 31 3.88 -4.28 5.37
N ILE A 32 4.33 -3.56 6.39
CA ILE A 32 3.88 -3.80 7.75
C ILE A 32 2.70 -2.90 8.11
N ASP A 33 1.58 -3.52 8.46
CA ASP A 33 0.38 -2.78 8.83
C ASP A 33 0.15 -2.83 10.33
N HIS A 34 0.52 -1.76 11.03
CA HIS A 34 0.35 -1.69 12.48
C HIS A 34 -1.11 -1.53 12.85
N ASN A 35 -1.78 -0.58 12.19
CA ASN A 35 -3.19 -0.33 12.46
C ASN A 35 -3.94 -1.63 12.73
N THR A 36 -3.49 -2.70 12.09
CA THR A 36 -4.11 -4.01 12.26
C THR A 36 -3.08 -5.08 12.61
N LYS A 37 -1.82 -4.65 12.73
CA LYS A 37 -0.74 -5.58 13.07
C LYS A 37 -0.71 -6.76 12.11
N THR A 38 -0.79 -6.46 10.82
CA THR A 38 -0.77 -7.51 9.80
C THR A 38 0.35 -7.26 8.78
N THR A 39 0.65 -8.28 7.99
CA THR A 39 1.70 -8.18 6.98
C THR A 39 1.19 -8.62 5.61
N SER A 40 1.51 -7.83 4.58
CA SER A 40 1.08 -8.14 3.23
C SER A 40 2.25 -8.04 2.25
N TRP A 41 2.08 -8.64 1.08
CA TRP A 41 3.13 -8.61 0.05
C TRP A 41 2.94 -7.43 -0.88
N LEU A 42 1.69 -7.03 -1.09
CA LEU A 42 1.38 -5.91 -1.97
C LEU A 42 1.30 -4.61 -1.18
N ASP A 43 1.11 -3.50 -1.90
CA ASP A 43 1.02 -2.18 -1.26
C ASP A 43 -0.44 -1.80 -1.04
N PRO A 44 -0.71 -1.17 0.11
CA PRO A 44 -2.06 -0.74 0.48
C PRO A 44 -2.55 0.42 -0.39
N ARG A 45 -1.68 1.41 -0.59
CA ARG A 45 -2.03 2.57 -1.39
C ARG A 45 -2.79 2.16 -2.65
N CYS A 46 -2.40 1.03 -3.22
CA CYS A 46 -3.05 0.52 -4.42
C CYS A 46 -4.54 0.27 -4.18
N LEU A 47 -4.85 -0.30 -3.02
CA LEU A 47 -6.24 -0.59 -2.66
C LEU A 47 -7.16 0.56 -3.05
N ASN A 48 -6.87 1.74 -2.50
CA ASN A 48 -7.68 2.92 -2.79
C ASN A 48 -6.80 4.17 -2.89
N LYS A 49 -6.70 4.74 -4.08
CA LYS A 49 -5.90 5.93 -4.30
C LYS A 49 -6.65 7.19 -3.86
N GLN A 50 -7.27 7.11 -2.69
CA GLN A 50 -8.03 8.24 -2.15
C GLN A 50 -7.92 8.29 -0.63
N GLN A 51 -8.28 9.42 -0.05
CA GLN A 51 -8.22 9.60 1.39
C GLN A 51 -9.57 9.33 2.03
N SER A 52 -9.59 8.45 3.03
CA SER A 52 -10.82 8.10 3.72
C SER A 52 -11.99 8.02 2.75
N GLY A 53 -11.73 7.42 1.59
CA GLY A 53 -12.77 7.28 0.58
C GLY A 53 -14.03 6.66 1.13
N PRO A 54 -15.19 7.09 0.61
CA PRO A 54 -16.50 6.58 1.04
C PRO A 54 -16.73 5.14 0.60
N SER A 55 -15.73 4.55 -0.05
CA SER A 55 -15.82 3.17 -0.51
C SER A 55 -16.75 3.07 -1.72
N SER A 56 -16.53 3.93 -2.71
CA SER A 56 -17.35 3.94 -3.91
C SER A 56 -16.48 3.76 -5.16
N GLY A 57 -15.53 2.84 -5.08
CA GLY A 57 -14.65 2.59 -6.20
C GLY A 57 -15.26 1.64 -7.21
N GLY A 1 1.29 23.66 -25.36
CA GLY A 1 1.14 22.32 -25.90
C GLY A 1 -0.13 21.65 -25.44
N SER A 2 -1.15 21.66 -26.30
CA SER A 2 -2.43 21.05 -25.97
C SER A 2 -2.22 19.66 -25.37
N SER A 3 -2.90 19.41 -24.24
CA SER A 3 -2.79 18.13 -23.56
C SER A 3 -4.11 17.37 -23.63
N GLY A 4 -4.28 16.59 -24.69
CA GLY A 4 -5.50 15.81 -24.85
C GLY A 4 -5.45 14.48 -24.13
N SER A 5 -5.37 14.53 -22.81
CA SER A 5 -5.30 13.31 -22.00
C SER A 5 -6.70 12.86 -21.59
N SER A 6 -6.86 11.56 -21.42
CA SER A 6 -8.14 10.99 -21.02
C SER A 6 -7.99 10.05 -19.83
N GLY A 7 -8.39 10.53 -18.66
CA GLY A 7 -8.29 9.72 -17.45
C GLY A 7 -7.68 10.49 -16.30
N ALA A 8 -7.30 9.76 -15.25
CA ALA A 8 -6.70 10.38 -14.07
C ALA A 8 -5.20 10.10 -14.01
N GLU A 9 -4.51 10.85 -13.16
CA GLU A 9 -3.07 10.68 -13.01
C GLU A 9 -2.74 9.60 -11.98
N ASP A 10 -1.59 8.96 -12.15
CA ASP A 10 -1.16 7.90 -11.25
C ASP A 10 -0.40 8.48 -10.05
N ASN A 11 -1.14 8.98 -9.07
CA ASN A 11 -0.53 9.57 -7.88
C ASN A 11 -1.28 9.15 -6.62
N LEU A 12 -0.64 8.31 -5.81
CA LEU A 12 -1.24 7.82 -4.58
C LEU A 12 -0.76 8.63 -3.38
N GLY A 13 0.56 8.67 -3.19
CA GLY A 13 1.12 9.42 -2.07
C GLY A 13 2.01 8.56 -1.20
N PRO A 14 2.75 9.22 -0.29
CA PRO A 14 3.66 8.53 0.63
C PRO A 14 2.91 7.70 1.68
N LEU A 15 3.42 6.50 1.95
CA LEU A 15 2.80 5.62 2.93
C LEU A 15 2.38 6.39 4.18
N PRO A 16 1.37 5.87 4.89
CA PRO A 16 0.87 6.50 6.12
C PRO A 16 1.87 6.41 7.27
N GLU A 17 1.39 6.66 8.48
CA GLU A 17 2.24 6.60 9.67
C GLU A 17 2.04 5.28 10.42
N ASN A 18 0.98 4.57 10.08
CA ASN A 18 0.67 3.29 10.71
C ASN A 18 1.15 2.13 9.85
N TRP A 19 2.10 2.41 8.96
CA TRP A 19 2.63 1.38 8.08
C TRP A 19 4.15 1.48 8.00
N GLU A 20 4.80 0.39 7.60
CA GLU A 20 6.25 0.35 7.48
C GLU A 20 6.69 -0.66 6.42
N MET A 21 7.24 -0.15 5.33
CA MET A 21 7.70 -1.00 4.23
C MET A 21 9.14 -1.42 4.45
N ALA A 22 9.37 -2.72 4.62
CA ALA A 22 10.71 -3.25 4.83
C ALA A 22 10.91 -4.56 4.09
N TYR A 23 12.17 -4.92 3.84
CA TYR A 23 12.49 -6.15 3.14
C TYR A 23 12.94 -7.23 4.12
N THR A 24 12.54 -8.47 3.84
CA THR A 24 12.91 -9.60 4.69
C THR A 24 14.37 -9.97 4.51
N GLU A 25 14.93 -10.62 5.52
CA GLU A 25 16.34 -11.03 5.47
C GLU A 25 16.70 -11.55 4.08
N ASN A 26 15.80 -12.34 3.50
CA ASN A 26 16.03 -12.90 2.17
C ASN A 26 16.13 -11.80 1.12
N GLY A 27 15.28 -10.78 1.26
CA GLY A 27 15.29 -9.67 0.32
C GLY A 27 13.93 -9.42 -0.30
N GLU A 28 12.88 -9.90 0.38
CA GLU A 28 11.52 -9.73 -0.10
C GLU A 28 10.89 -8.47 0.50
N VAL A 29 10.45 -7.56 -0.37
CA VAL A 29 9.83 -6.32 0.08
C VAL A 29 8.40 -6.56 0.54
N TYR A 30 8.12 -6.22 1.79
CA TYR A 30 6.78 -6.40 2.36
C TYR A 30 6.29 -5.12 3.02
N PHE A 31 5.02 -5.09 3.38
CA PHE A 31 4.42 -3.92 4.02
C PHE A 31 3.86 -4.29 5.38
N ILE A 32 4.32 -3.60 6.42
CA ILE A 32 3.86 -3.84 7.79
C ILE A 32 2.70 -2.93 8.15
N ASP A 33 1.56 -3.53 8.48
CA ASP A 33 0.37 -2.78 8.85
C ASP A 33 0.13 -2.84 10.36
N HIS A 34 0.52 -1.77 11.06
CA HIS A 34 0.35 -1.70 12.51
C HIS A 34 -1.12 -1.54 12.87
N ASN A 35 -1.78 -0.57 12.23
CA ASN A 35 -3.18 -0.30 12.50
C ASN A 35 -3.94 -1.60 12.78
N THR A 36 -3.50 -2.68 12.16
CA THR A 36 -4.13 -3.98 12.35
C THR A 36 -3.10 -5.05 12.73
N LYS A 37 -1.83 -4.67 12.71
CA LYS A 37 -0.75 -5.59 13.06
C LYS A 37 -0.71 -6.77 12.09
N THR A 38 -0.81 -6.47 10.80
CA THR A 38 -0.78 -7.52 9.78
C THR A 38 0.37 -7.30 8.80
N THR A 39 0.69 -8.33 8.03
CA THR A 39 1.77 -8.24 7.05
C THR A 39 1.29 -8.66 5.67
N SER A 40 1.57 -7.81 4.68
CA SER A 40 1.16 -8.09 3.31
C SER A 40 2.35 -8.00 2.36
N TRP A 41 2.20 -8.58 1.17
CA TRP A 41 3.26 -8.57 0.17
C TRP A 41 3.07 -7.43 -0.82
N LEU A 42 1.83 -7.01 -1.00
CA LEU A 42 1.50 -5.93 -1.92
C LEU A 42 1.39 -4.60 -1.19
N ASP A 43 1.32 -3.51 -1.94
CA ASP A 43 1.19 -2.18 -1.36
C ASP A 43 -0.26 -1.84 -1.08
N PRO A 44 -0.51 -1.13 0.03
CA PRO A 44 -1.85 -0.72 0.43
C PRO A 44 -2.44 0.34 -0.49
N ARG A 45 -1.62 1.33 -0.85
CA ARG A 45 -2.06 2.40 -1.73
C ARG A 45 -2.79 1.85 -2.95
N CYS A 46 -2.38 0.66 -3.39
CA CYS A 46 -2.99 0.02 -4.54
C CYS A 46 -4.51 0.17 -4.51
N LEU A 47 -5.10 -0.07 -3.34
CA LEU A 47 -6.54 0.04 -3.17
C LEU A 47 -6.90 1.27 -2.34
N ASN A 48 -7.01 2.42 -2.99
CA ASN A 48 -7.34 3.66 -2.31
C ASN A 48 -8.82 4.02 -2.53
N LYS A 49 -9.22 4.06 -3.80
CA LYS A 49 -10.61 4.38 -4.14
C LYS A 49 -11.54 3.23 -3.80
N GLN A 50 -10.98 2.02 -3.72
CA GLN A 50 -11.77 0.84 -3.40
C GLN A 50 -11.35 0.26 -2.06
N GLN A 51 -12.20 0.43 -1.05
CA GLN A 51 -11.92 -0.07 0.28
C GLN A 51 -12.63 -1.40 0.53
N SER A 52 -12.62 -2.27 -0.48
CA SER A 52 -13.26 -3.57 -0.37
C SER A 52 -12.33 -4.59 0.26
N GLY A 53 -12.86 -5.78 0.52
CA GLY A 53 -12.06 -6.84 1.13
C GLY A 53 -12.62 -8.22 0.85
N PRO A 54 -12.25 -9.18 1.70
CA PRO A 54 -12.71 -10.57 1.57
C PRO A 54 -14.19 -10.73 1.87
N SER A 55 -14.85 -9.61 2.16
CA SER A 55 -16.27 -9.62 2.48
C SER A 55 -17.12 -9.41 1.23
N SER A 56 -18.32 -9.97 1.23
CA SER A 56 -19.23 -9.83 0.10
C SER A 56 -20.57 -9.26 0.53
N GLY A 57 -21.12 -9.82 1.61
CA GLY A 57 -22.39 -9.35 2.11
C GLY A 57 -22.45 -9.33 3.62
N GLY A 1 4.65 11.29 -30.22
CA GLY A 1 5.95 11.38 -29.59
C GLY A 1 6.86 10.21 -29.94
N SER A 2 7.09 9.33 -28.97
CA SER A 2 7.95 8.17 -29.18
C SER A 2 7.39 6.95 -28.47
N SER A 3 7.70 5.76 -29.00
CA SER A 3 7.22 4.52 -28.41
C SER A 3 8.39 3.60 -28.06
N GLY A 4 8.37 3.07 -26.84
CA GLY A 4 9.43 2.19 -26.39
C GLY A 4 10.43 2.89 -25.49
N SER A 5 10.28 2.70 -24.19
CA SER A 5 11.18 3.32 -23.22
C SER A 5 10.96 2.75 -21.82
N SER A 6 11.77 3.18 -20.87
CA SER A 6 11.67 2.71 -19.50
C SER A 6 11.60 3.88 -18.52
N GLY A 7 10.50 3.98 -17.78
CA GLY A 7 10.33 5.05 -16.82
C GLY A 7 8.87 5.36 -16.55
N ALA A 8 8.16 4.38 -16.00
CA ALA A 8 6.75 4.55 -15.68
C ALA A 8 6.51 5.84 -14.89
N GLU A 9 5.34 6.44 -15.09
CA GLU A 9 5.00 7.68 -14.41
C GLU A 9 3.85 7.45 -13.42
N ASP A 10 3.92 6.34 -12.70
CA ASP A 10 2.88 6.00 -11.72
C ASP A 10 3.49 5.78 -10.34
N ASN A 11 3.56 6.86 -9.55
CA ASN A 11 4.12 6.79 -8.21
C ASN A 11 3.10 7.24 -7.17
N LEU A 12 2.43 6.29 -6.55
CA LEU A 12 1.42 6.60 -5.54
C LEU A 12 2.01 7.50 -4.46
N GLY A 13 1.14 8.00 -3.59
CA GLY A 13 1.59 8.87 -2.51
C GLY A 13 2.42 8.13 -1.47
N PRO A 14 2.98 8.89 -0.53
CA PRO A 14 3.81 8.33 0.54
C PRO A 14 2.99 7.52 1.54
N LEU A 15 3.52 6.37 1.95
CA LEU A 15 2.83 5.51 2.90
C LEU A 15 2.40 6.29 4.14
N PRO A 16 1.38 5.77 4.84
CA PRO A 16 0.85 6.41 6.05
C PRO A 16 1.83 6.33 7.22
N GLU A 17 1.33 6.59 8.42
CA GLU A 17 2.15 6.54 9.62
C GLU A 17 1.96 5.23 10.36
N ASN A 18 0.88 4.53 10.03
CA ASN A 18 0.59 3.24 10.68
C ASN A 18 1.08 2.08 9.81
N TRP A 19 2.04 2.36 8.94
CA TRP A 19 2.59 1.34 8.05
C TRP A 19 4.11 1.44 7.99
N GLU A 20 4.75 0.38 7.51
CA GLU A 20 6.20 0.35 7.39
C GLU A 20 6.64 -0.66 6.35
N MET A 21 7.19 -0.17 5.24
CA MET A 21 7.66 -1.04 4.16
C MET A 21 9.12 -1.43 4.37
N ALA A 22 9.36 -2.71 4.56
CA ALA A 22 10.72 -3.21 4.77
C ALA A 22 10.93 -4.54 4.05
N TYR A 23 12.19 -4.91 3.85
CA TYR A 23 12.53 -6.15 3.17
C TYR A 23 12.97 -7.22 4.17
N THR A 24 12.62 -8.47 3.88
CA THR A 24 12.98 -9.57 4.75
C THR A 24 14.46 -9.92 4.62
N GLU A 25 15.01 -10.58 5.64
CA GLU A 25 16.40 -10.96 5.64
C GLU A 25 16.82 -11.53 4.28
N ASN A 26 15.90 -12.26 3.65
CA ASN A 26 16.17 -12.86 2.34
C ASN A 26 16.26 -11.78 1.27
N GLY A 27 15.41 -10.76 1.38
CA GLY A 27 15.41 -9.69 0.41
C GLY A 27 14.05 -9.45 -0.21
N GLU A 28 13.01 -9.94 0.47
CA GLU A 28 11.65 -9.79 -0.03
C GLU A 28 11.00 -8.54 0.54
N VAL A 29 10.56 -7.64 -0.34
CA VAL A 29 9.91 -6.41 0.08
C VAL A 29 8.47 -6.65 0.52
N TYR A 30 8.15 -6.24 1.74
CA TYR A 30 6.81 -6.42 2.28
C TYR A 30 6.31 -5.14 2.95
N PHE A 31 5.03 -5.12 3.29
CA PHE A 31 4.43 -3.95 3.94
C PHE A 31 3.88 -4.31 5.31
N ILE A 32 4.35 -3.60 6.34
CA ILE A 32 3.90 -3.85 7.70
C ILE A 32 2.74 -2.94 8.08
N ASP A 33 1.62 -3.56 8.42
CA ASP A 33 0.42 -2.81 8.81
C ASP A 33 0.20 -2.86 10.31
N HIS A 34 0.58 -1.79 10.99
CA HIS A 34 0.44 -1.71 12.45
C HIS A 34 -1.04 -1.53 12.83
N ASN A 35 -1.72 -0.63 12.13
CA ASN A 35 -3.13 -0.36 12.40
C ASN A 35 -3.87 -1.65 12.73
N THR A 36 -3.42 -2.75 12.14
CA THR A 36 -4.04 -4.05 12.37
C THR A 36 -3.00 -5.11 12.69
N LYS A 37 -1.74 -4.69 12.78
CA LYS A 37 -0.65 -5.61 13.08
C LYS A 37 -0.64 -6.79 12.11
N THR A 38 -0.73 -6.49 10.82
CA THR A 38 -0.74 -7.53 9.80
C THR A 38 0.37 -7.29 8.77
N THR A 39 0.71 -8.35 8.03
CA THR A 39 1.75 -8.25 7.02
C THR A 39 1.22 -8.67 5.64
N SER A 40 1.51 -7.86 4.63
CA SER A 40 1.06 -8.13 3.27
C SER A 40 2.22 -8.00 2.28
N TRP A 41 2.02 -8.53 1.08
CA TRP A 41 3.03 -8.48 0.04
C TRP A 41 2.79 -7.30 -0.89
N LEU A 42 1.53 -6.93 -1.07
CA LEU A 42 1.18 -5.82 -1.94
C LEU A 42 1.16 -4.50 -1.16
N ASP A 43 0.95 -3.40 -1.87
CA ASP A 43 0.91 -2.09 -1.25
C ASP A 43 -0.52 -1.64 -0.99
N PRO A 44 -0.75 -1.00 0.17
CA PRO A 44 -2.07 -0.52 0.56
C PRO A 44 -2.54 0.65 -0.30
N ARG A 45 -1.62 1.57 -0.59
CA ARG A 45 -1.94 2.74 -1.39
C ARG A 45 -2.68 2.34 -2.66
N CYS A 46 -2.50 1.10 -3.08
CA CYS A 46 -3.16 0.59 -4.28
C CYS A 46 -4.66 0.79 -4.21
N LEU A 47 -5.21 0.66 -3.01
CA LEU A 47 -6.65 0.82 -2.80
C LEU A 47 -6.94 2.08 -1.99
N ASN A 48 -6.13 3.11 -2.19
CA ASN A 48 -6.30 4.37 -1.47
C ASN A 48 -7.56 5.09 -1.95
N LYS A 49 -7.60 5.40 -3.24
CA LYS A 49 -8.76 6.10 -3.82
C LYS A 49 -10.06 5.56 -3.25
N GLN A 50 -11.11 6.37 -3.30
CA GLN A 50 -12.42 5.97 -2.80
C GLN A 50 -12.36 5.72 -1.30
N GLN A 51 -11.72 6.64 -0.56
CA GLN A 51 -11.59 6.51 0.89
C GLN A 51 -12.84 7.04 1.58
N SER A 52 -13.46 6.18 2.38
CA SER A 52 -14.68 6.57 3.11
C SER A 52 -14.32 7.23 4.43
N GLY A 53 -14.73 8.48 4.59
CA GLY A 53 -14.44 9.22 5.81
C GLY A 53 -15.31 10.45 5.97
N PRO A 54 -15.01 11.49 5.17
CA PRO A 54 -15.77 12.75 5.21
C PRO A 54 -17.18 12.60 4.65
N SER A 55 -18.16 13.09 5.40
CA SER A 55 -19.55 13.01 4.98
C SER A 55 -20.03 14.35 4.40
N SER A 56 -19.24 14.90 3.49
CA SER A 56 -19.57 16.17 2.87
C SER A 56 -19.78 17.26 3.91
N GLY A 57 -18.90 17.29 4.91
CA GLY A 57 -19.00 18.28 5.97
C GLY A 57 -18.14 19.50 5.70
N GLY A 1 -4.20 -4.79 -10.55
CA GLY A 1 -4.59 -3.52 -11.13
C GLY A 1 -3.92 -3.26 -12.46
N SER A 2 -4.44 -2.29 -13.20
CA SER A 2 -3.89 -1.94 -14.51
C SER A 2 -2.37 -1.83 -14.44
N SER A 3 -1.75 -1.62 -15.61
CA SER A 3 -0.29 -1.51 -15.68
C SER A 3 0.11 -0.28 -16.50
N GLY A 4 -0.53 -0.12 -17.66
CA GLY A 4 -0.22 1.01 -18.51
C GLY A 4 -0.71 2.32 -17.94
N SER A 5 0.07 2.88 -17.02
CA SER A 5 -0.29 4.15 -16.38
C SER A 5 -0.95 5.09 -17.38
N SER A 6 -0.30 5.28 -18.53
CA SER A 6 -0.82 6.16 -19.56
C SER A 6 -1.11 7.55 -18.99
N GLY A 7 -0.20 8.05 -18.17
CA GLY A 7 -0.37 9.36 -17.57
C GLY A 7 0.02 9.40 -16.12
N ALA A 8 -0.14 10.55 -15.48
CA ALA A 8 0.21 10.72 -14.07
C ALA A 8 -1.04 10.70 -13.20
N GLU A 9 -1.97 9.81 -13.51
CA GLU A 9 -3.20 9.69 -12.75
C GLU A 9 -3.07 8.64 -11.65
N ASP A 10 -1.86 8.10 -11.51
CA ASP A 10 -1.61 7.08 -10.49
C ASP A 10 -0.93 7.70 -9.27
N ASN A 11 -1.39 8.88 -8.88
CA ASN A 11 -0.82 9.58 -7.73
C ASN A 11 -1.46 9.09 -6.44
N LEU A 12 -0.71 8.29 -5.68
CA LEU A 12 -1.19 7.75 -4.42
C LEU A 12 -0.64 8.54 -3.24
N GLY A 13 0.69 8.67 -3.19
CA GLY A 13 1.31 9.41 -2.11
C GLY A 13 2.15 8.52 -1.22
N PRO A 14 2.88 9.14 -0.28
CA PRO A 14 3.74 8.42 0.66
C PRO A 14 2.95 7.61 1.68
N LEU A 15 3.43 6.41 1.98
CA LEU A 15 2.75 5.55 2.94
C LEU A 15 2.34 6.32 4.18
N PRO A 16 1.33 5.80 4.90
CA PRO A 16 0.83 6.43 6.12
C PRO A 16 1.81 6.33 7.28
N GLU A 17 1.34 6.61 8.49
CA GLU A 17 2.19 6.55 9.67
C GLU A 17 1.99 5.23 10.41
N ASN A 18 0.91 4.53 10.09
CA ASN A 18 0.61 3.25 10.72
C ASN A 18 1.09 2.09 9.85
N TRP A 19 2.04 2.37 8.97
CA TRP A 19 2.58 1.35 8.08
C TRP A 19 4.10 1.46 7.99
N GLU A 20 4.73 0.39 7.52
CA GLU A 20 6.18 0.35 7.39
C GLU A 20 6.61 -0.66 6.33
N MET A 21 7.15 -0.16 5.23
CA MET A 21 7.60 -1.01 4.14
C MET A 21 9.07 -1.40 4.32
N ALA A 22 9.32 -2.70 4.52
CA ALA A 22 10.67 -3.19 4.71
C ALA A 22 10.88 -4.51 3.97
N TYR A 23 12.14 -4.91 3.83
CA TYR A 23 12.47 -6.16 3.15
C TYR A 23 12.94 -7.22 4.14
N THR A 24 12.56 -8.47 3.88
CA THR A 24 12.94 -9.57 4.74
C THR A 24 14.41 -9.92 4.58
N GLU A 25 15.00 -10.50 5.62
CA GLU A 25 16.40 -10.88 5.60
C GLU A 25 16.78 -11.45 4.23
N ASN A 26 15.85 -12.20 3.62
CA ASN A 26 16.08 -12.81 2.32
C ASN A 26 16.17 -11.73 1.23
N GLY A 27 15.29 -10.73 1.33
CA GLY A 27 15.28 -9.67 0.34
C GLY A 27 13.91 -9.43 -0.25
N GLU A 28 12.88 -9.94 0.42
CA GLU A 28 11.51 -9.79 -0.05
C GLU A 28 10.88 -8.53 0.53
N VAL A 29 10.46 -7.63 -0.34
CA VAL A 29 9.83 -6.38 0.08
C VAL A 29 8.40 -6.61 0.52
N TYR A 30 8.11 -6.27 1.77
CA TYR A 30 6.76 -6.44 2.31
C TYR A 30 6.27 -5.15 2.99
N PHE A 31 4.99 -5.12 3.32
CA PHE A 31 4.40 -3.95 3.96
C PHE A 31 3.85 -4.31 5.34
N ILE A 32 4.33 -3.60 6.36
CA ILE A 32 3.89 -3.86 7.73
C ILE A 32 2.73 -2.95 8.11
N ASP A 33 1.60 -3.54 8.46
CA ASP A 33 0.41 -2.79 8.84
C ASP A 33 0.20 -2.84 10.36
N HIS A 34 0.58 -1.77 11.04
CA HIS A 34 0.44 -1.70 12.49
C HIS A 34 -1.03 -1.51 12.88
N ASN A 35 -1.70 -0.58 12.20
CA ASN A 35 -3.10 -0.31 12.47
C ASN A 35 -3.86 -1.59 12.80
N THR A 36 -3.41 -2.70 12.22
CA THR A 36 -4.05 -3.99 12.46
C THR A 36 -3.02 -5.05 12.82
N LYS A 37 -1.74 -4.67 12.76
CA LYS A 37 -0.65 -5.59 13.09
C LYS A 37 -0.63 -6.77 12.12
N THR A 38 -0.77 -6.47 10.83
CA THR A 38 -0.76 -7.51 9.80
C THR A 38 0.36 -7.28 8.80
N THR A 39 0.66 -8.30 8.00
CA THR A 39 1.71 -8.21 7.00
C THR A 39 1.20 -8.61 5.62
N SER A 40 1.45 -7.76 4.63
CA SER A 40 1.01 -8.02 3.27
C SER A 40 2.19 -8.03 2.31
N TRP A 41 1.98 -8.56 1.11
CA TRP A 41 3.03 -8.62 0.10
C TRP A 41 2.90 -7.47 -0.90
N LEU A 42 1.66 -7.04 -1.13
CA LEU A 42 1.40 -5.94 -2.06
C LEU A 42 1.39 -4.61 -1.34
N ASP A 43 1.23 -3.53 -2.10
CA ASP A 43 1.19 -2.19 -1.53
C ASP A 43 -0.24 -1.78 -1.17
N PRO A 44 -0.39 -1.15 0.01
CA PRO A 44 -1.70 -0.71 0.50
C PRO A 44 -2.25 0.46 -0.31
N ARG A 45 -1.37 1.37 -0.69
CA ARG A 45 -1.78 2.54 -1.48
C ARG A 45 -2.66 2.13 -2.65
N CYS A 46 -2.44 0.92 -3.14
CA CYS A 46 -3.21 0.40 -4.27
C CYS A 46 -4.68 0.21 -3.89
N LEU A 47 -4.91 -0.20 -2.64
CA LEU A 47 -6.26 -0.41 -2.15
C LEU A 47 -6.75 0.77 -1.32
N ASN A 48 -7.98 1.19 -1.55
CA ASN A 48 -8.56 2.32 -0.82
C ASN A 48 -9.29 1.84 0.42
N LYS A 49 -9.30 2.67 1.45
CA LYS A 49 -9.97 2.34 2.70
C LYS A 49 -11.21 3.21 2.91
N GLN A 50 -12.33 2.56 3.20
CA GLN A 50 -13.59 3.28 3.42
C GLN A 50 -14.41 2.61 4.51
N GLN A 51 -15.45 3.31 4.98
CA GLN A 51 -16.30 2.78 6.02
C GLN A 51 -16.50 1.27 5.88
N SER A 52 -16.79 0.84 4.66
CA SER A 52 -17.00 -0.58 4.38
C SER A 52 -15.76 -1.20 3.74
N GLY A 53 -15.58 -2.50 3.96
CA GLY A 53 -14.44 -3.19 3.40
C GLY A 53 -14.41 -4.66 3.75
N PRO A 54 -13.59 -5.44 3.03
CA PRO A 54 -13.46 -6.88 3.26
C PRO A 54 -12.76 -7.20 4.58
N SER A 55 -12.23 -6.16 5.23
CA SER A 55 -11.54 -6.34 6.50
C SER A 55 -12.52 -6.33 7.66
N SER A 56 -13.50 -7.22 7.61
CA SER A 56 -14.52 -7.31 8.67
C SER A 56 -15.03 -8.75 8.80
N GLY A 57 -15.34 -9.13 10.03
CA GLY A 57 -15.84 -10.47 10.27
C GLY A 57 -14.73 -11.44 10.65
#